data_2BJK
#
_entry.id   2BJK
#
_cell.length_a   102.436
_cell.length_b   102.436
_cell.length_c   278.559
_cell.angle_alpha   90.00
_cell.angle_beta   90.00
_cell.angle_gamma   120.00
#
_symmetry.space_group_name_H-M   'H 3'
#
loop_
_entity.id
_entity.type
_entity.pdbx_description
1 polymer '1-PYRROLINE-5-CARBOXYLATE DEHYDROGENASE'
2 non-polymer NICOTINAMIDE-ADENINE-DINUCLEOTIDE
3 non-polymer 'CITRATE ANION'
4 non-polymer (4R)-2-METHYLPENTANE-2,4-DIOL
5 non-polymer (4S)-2-METHYL-2,4-PENTANEDIOL
6 non-polymer 'CHLORIDE ION'
7 water water
#
_entity_poly.entity_id   1
_entity_poly.type   'polypeptide(L)'
_entity_poly.pdbx_seq_one_letter_code
;MTVEPFRNEPIETFQTEEARRAMREALRRVREEFGRHYPLYIGGEWVDTKERMVSLNPSAPSEVVGTTAKAGKAEAEAAL
EAAWKAFKTWKDWPQEDRSRLLLKAAALMRRRKRELEATLVYEVGKNWVEASADVAEAIDFIEYYARAALRYRYPAVEVV
PYPGEDNESFYVPLGAGVVIAPWNFPVAIFTGMIVGPVAVGNTVIAKPAEDAVVVGAKVFEIFHEAGFPPGVVNFLPGVG
EEVGAYLVEHPRIRFINFTGSLEVGLKIYEAAGRLAPGQTWFKRAYVETGGKDAIIVDETADFDLAAEGVVVSAYGFQGQ
KCSAASRLILTQGAYEPVLERVLKRAERLSVGPAEENPDLGPVVSAEQERKVLSYIEIGKNEGQLVLGGKRLEGEGYFIA
PTVFTEVPPKARIAQEEIFGPVLSVIRVKDFAEALEVANDTPYGLTGGVYSRKREHLEWARREFHVGNLYFNRKITGALV
GVQPFGGFKLSGTNAKTGALDYLRLFLEMKAVAERF
;
_entity_poly.pdbx_strand_id   A,B
#
loop_
_chem_comp.id
_chem_comp.type
_chem_comp.name
_chem_comp.formula
CL non-polymer 'CHLORIDE ION' 'Cl -1'
FLC non-polymer 'CITRATE ANION' 'C6 H5 O7 -3'
MPD non-polymer (4S)-2-METHYL-2,4-PENTANEDIOL 'C6 H14 O2'
MRD non-polymer (4R)-2-METHYLPENTANE-2,4-DIOL 'C6 H14 O2'
NAD non-polymer NICOTINAMIDE-ADENINE-DINUCLEOTIDE 'C21 H27 N7 O14 P2'
#
# COMPACT_ATOMS: atom_id res chain seq x y z
N MET A 1 -25.51 0.96 -10.47
CA MET A 1 -26.85 1.60 -10.50
C MET A 1 -27.84 0.76 -11.29
N THR A 2 -27.41 -0.43 -11.69
CA THR A 2 -28.29 -1.32 -12.45
C THR A 2 -28.83 -2.48 -11.61
N VAL A 3 -28.47 -2.51 -10.34
CA VAL A 3 -28.95 -3.54 -9.42
C VAL A 3 -29.44 -2.87 -8.15
N GLU A 4 -30.16 -3.62 -7.31
CA GLU A 4 -30.66 -3.09 -6.05
C GLU A 4 -29.49 -2.70 -5.15
N PRO A 5 -29.72 -1.74 -4.23
CA PRO A 5 -28.65 -1.34 -3.32
C PRO A 5 -28.20 -2.54 -2.50
N PHE A 6 -26.92 -2.57 -2.15
CA PHE A 6 -26.39 -3.66 -1.35
C PHE A 6 -27.09 -3.81 -0.01
N ARG A 7 -27.35 -5.05 0.36
CA ARG A 7 -27.95 -5.40 1.64
C ARG A 7 -27.23 -6.66 2.10
N ASN A 8 -26.99 -6.79 3.39
CA ASN A 8 -26.31 -7.99 3.88
C ASN A 8 -27.21 -9.21 3.82
N GLU A 9 -26.61 -10.36 3.53
CA GLU A 9 -27.34 -11.62 3.46
C GLU A 9 -27.75 -11.99 4.88
N PRO A 10 -29.04 -12.27 5.10
CA PRO A 10 -29.48 -12.64 6.46
C PRO A 10 -28.79 -13.90 6.97
N ILE A 11 -28.44 -13.89 8.25
CA ILE A 11 -27.80 -15.04 8.89
C ILE A 11 -28.92 -15.90 9.47
N GLU A 12 -28.98 -17.15 9.04
CA GLU A 12 -30.01 -18.08 9.49
C GLU A 12 -29.84 -18.49 10.95
N THR A 13 -30.94 -18.44 11.70
CA THR A 13 -30.93 -18.81 13.12
C THR A 13 -31.49 -20.22 13.33
N PHE A 14 -32.16 -20.74 12.32
CA PHE A 14 -32.75 -22.07 12.36
C PHE A 14 -33.80 -22.23 13.46
N GLN A 15 -34.64 -21.21 13.62
CA GLN A 15 -35.69 -21.24 14.64
C GLN A 15 -37.01 -21.73 14.06
N THR A 16 -37.13 -21.71 12.73
CA THR A 16 -38.34 -22.17 12.07
C THR A 16 -38.16 -23.61 11.64
N GLU A 17 -39.28 -24.33 11.50
CA GLU A 17 -39.23 -25.73 11.09
C GLU A 17 -38.69 -25.86 9.68
N GLU A 18 -39.03 -24.90 8.81
CA GLU A 18 -38.58 -24.92 7.43
C GLU A 18 -37.06 -24.86 7.37
N ALA A 19 -36.47 -23.96 8.16
CA ALA A 19 -35.03 -23.80 8.19
C ALA A 19 -34.34 -25.06 8.73
N ARG A 20 -34.89 -25.63 9.79
CA ARG A 20 -34.33 -26.85 10.37
C ARG A 20 -34.40 -28.01 9.40
N ARG A 21 -35.55 -28.15 8.73
CA ARG A 21 -35.73 -29.22 7.76
C ARG A 21 -34.69 -29.12 6.66
N ALA A 22 -34.53 -27.91 6.12
CA ALA A 22 -33.57 -27.68 5.06
C ALA A 22 -32.14 -27.97 5.49
N MET A 23 -31.79 -27.56 6.70
CA MET A 23 -30.44 -27.79 7.21
C MET A 23 -30.19 -29.26 7.48
N ARG A 24 -31.18 -29.95 8.05
CA ARG A 24 -31.03 -31.38 8.31
C ARG A 24 -30.80 -32.13 7.00
N GLU A 25 -31.52 -31.78 5.94
CA GLU A 25 -31.33 -32.46 4.65
C GLU A 25 -29.95 -32.15 4.08
N ALA A 26 -29.51 -30.91 4.22
CA ALA A 26 -28.20 -30.51 3.71
C ALA A 26 -27.08 -31.27 4.44
N LEU A 27 -27.20 -31.35 5.76
CA LEU A 27 -26.21 -32.06 6.57
C LEU A 27 -26.18 -33.54 6.18
N ARG A 28 -27.36 -34.12 5.99
CA ARG A 28 -27.43 -35.52 5.62
C ARG A 28 -26.76 -35.79 4.27
N ARG A 29 -27.02 -34.92 3.30
CA ARG A 29 -26.42 -35.10 1.98
C ARG A 29 -24.90 -34.93 2.00
N VAL A 30 -24.41 -33.95 2.76
CA VAL A 30 -22.97 -33.74 2.83
C VAL A 30 -22.32 -34.95 3.52
N ARG A 31 -22.94 -35.44 4.59
CA ARG A 31 -22.40 -36.58 5.32
C ARG A 31 -22.37 -37.82 4.43
N GLU A 32 -23.41 -38.00 3.63
CA GLU A 32 -23.51 -39.14 2.74
C GLU A 32 -22.48 -39.03 1.61
N GLU A 33 -21.90 -37.83 1.49
CA GLU A 33 -20.90 -37.52 0.46
C GLU A 33 -19.46 -37.64 0.98
N PHE A 34 -19.30 -37.97 2.26
CA PHE A 34 -17.98 -38.11 2.84
C PHE A 34 -17.08 -39.01 1.99
N GLY A 35 -15.83 -38.60 1.81
CA GLY A 35 -14.91 -39.39 1.02
C GLY A 35 -14.70 -38.94 -0.41
N ARG A 36 -15.50 -37.99 -0.87
CA ARG A 36 -15.39 -37.49 -2.23
C ARG A 36 -14.00 -36.87 -2.47
N HIS A 37 -13.52 -36.98 -3.69
CA HIS A 37 -12.21 -36.44 -4.05
C HIS A 37 -12.37 -35.23 -4.96
N TYR A 38 -11.66 -34.14 -4.65
CA TYR A 38 -11.74 -32.92 -5.44
C TYR A 38 -10.37 -32.58 -6.04
N PRO A 39 -10.28 -32.46 -7.36
CA PRO A 39 -9.00 -32.14 -8.00
C PRO A 39 -8.64 -30.66 -7.89
N LEU A 40 -7.51 -30.29 -8.46
CA LEU A 40 -7.08 -28.90 -8.50
C LEU A 40 -7.91 -28.28 -9.62
N TYR A 41 -7.93 -26.96 -9.70
CA TYR A 41 -8.66 -26.29 -10.78
C TYR A 41 -7.65 -25.33 -11.37
N ILE A 42 -7.20 -25.62 -12.59
CA ILE A 42 -6.21 -24.81 -13.27
C ILE A 42 -6.63 -24.57 -14.71
N GLY A 43 -6.59 -23.32 -15.14
CA GLY A 43 -6.94 -23.00 -16.52
C GLY A 43 -8.31 -23.46 -16.97
N GLY A 44 -9.30 -23.32 -16.10
CA GLY A 44 -10.65 -23.71 -16.45
C GLY A 44 -10.99 -25.19 -16.41
N GLU A 45 -10.08 -26.02 -15.91
CA GLU A 45 -10.36 -27.44 -15.83
C GLU A 45 -9.87 -28.08 -14.55
N TRP A 46 -10.55 -29.14 -14.14
CA TRP A 46 -10.17 -29.85 -12.93
C TRP A 46 -9.01 -30.78 -13.30
N VAL A 47 -7.91 -30.65 -12.56
CA VAL A 47 -6.71 -31.43 -12.80
C VAL A 47 -6.33 -32.21 -11.54
N ASP A 48 -6.21 -33.53 -11.68
CA ASP A 48 -5.86 -34.36 -10.53
C ASP A 48 -4.35 -34.56 -10.42
N THR A 49 -3.92 -35.06 -9.27
CA THR A 49 -2.51 -35.32 -9.01
C THR A 49 -2.38 -36.67 -8.34
N LYS A 50 -1.14 -37.17 -8.24
CA LYS A 50 -0.89 -38.45 -7.60
C LYS A 50 -1.05 -38.31 -6.10
N GLU A 51 -0.40 -37.30 -5.53
CA GLU A 51 -0.47 -37.05 -4.10
C GLU A 51 -1.81 -36.39 -3.76
N ARG A 52 -2.18 -36.41 -2.49
CA ARG A 52 -3.45 -35.83 -2.08
C ARG A 52 -3.41 -35.16 -0.72
N MET A 53 -4.44 -34.38 -0.44
CA MET A 53 -4.60 -33.69 0.83
C MET A 53 -5.83 -34.36 1.47
N VAL A 54 -5.72 -34.69 2.74
CA VAL A 54 -6.82 -35.34 3.45
C VAL A 54 -7.47 -34.37 4.44
N SER A 55 -8.80 -34.32 4.43
CA SER A 55 -9.53 -33.44 5.34
C SER A 55 -10.38 -34.27 6.29
N LEU A 56 -10.06 -34.19 7.58
CA LEU A 56 -10.76 -34.94 8.60
C LEU A 56 -11.86 -34.16 9.30
N ASN A 57 -12.81 -34.89 9.88
CA ASN A 57 -13.92 -34.30 10.61
C ASN A 57 -13.40 -34.05 12.03
N PRO A 58 -13.22 -32.78 12.43
CA PRO A 58 -12.70 -32.52 13.78
C PRO A 58 -13.58 -33.00 14.94
N SER A 59 -14.85 -33.30 14.64
CA SER A 59 -15.78 -33.80 15.65
C SER A 59 -15.67 -35.32 15.79
N ALA A 60 -15.00 -35.93 14.81
CA ALA A 60 -14.78 -37.39 14.77
C ALA A 60 -13.70 -37.59 13.71
N PRO A 61 -12.44 -37.31 14.06
CA PRO A 61 -11.30 -37.42 13.16
C PRO A 61 -11.00 -38.74 12.44
N SER A 62 -11.71 -39.80 12.81
CA SER A 62 -11.51 -41.08 12.13
C SER A 62 -12.27 -41.01 10.81
N GLU A 63 -13.13 -39.99 10.68
CA GLU A 63 -13.92 -39.81 9.47
C GLU A 63 -13.28 -38.82 8.50
N VAL A 64 -13.16 -39.23 7.25
CA VAL A 64 -12.59 -38.39 6.22
C VAL A 64 -13.71 -37.67 5.48
N VAL A 65 -13.78 -36.35 5.66
CA VAL A 65 -14.82 -35.57 5.00
C VAL A 65 -14.60 -35.62 3.49
N GLY A 66 -13.34 -35.54 3.09
CA GLY A 66 -13.01 -35.60 1.68
C GLY A 66 -11.51 -35.45 1.48
N THR A 67 -11.08 -35.57 0.23
CA THR A 67 -9.67 -35.43 -0.10
C THR A 67 -9.58 -34.56 -1.33
N THR A 68 -8.42 -33.96 -1.55
CA THR A 68 -8.24 -33.13 -2.74
C THR A 68 -6.87 -33.45 -3.30
N ALA A 69 -6.63 -32.99 -4.52
CA ALA A 69 -5.34 -33.17 -5.15
C ALA A 69 -4.38 -32.29 -4.36
N LYS A 70 -3.09 -32.45 -4.61
CA LYS A 70 -2.07 -31.68 -3.90
C LYS A 70 -1.16 -30.98 -4.90
N ALA A 71 -1.14 -29.65 -4.85
CA ALA A 71 -0.33 -28.85 -5.76
C ALA A 71 1.13 -28.72 -5.33
N GLY A 72 2.02 -28.97 -6.27
CA GLY A 72 3.44 -28.85 -6.03
C GLY A 72 3.96 -27.75 -6.93
N LYS A 73 5.28 -27.63 -7.08
CA LYS A 73 5.85 -26.59 -7.92
C LYS A 73 5.37 -26.64 -9.37
N ALA A 74 5.28 -27.84 -9.94
CA ALA A 74 4.83 -27.98 -11.31
C ALA A 74 3.42 -27.43 -11.50
N GLU A 75 2.53 -27.74 -10.55
CA GLU A 75 1.16 -27.26 -10.63
C GLU A 75 1.11 -25.75 -10.44
N ALA A 76 1.99 -25.23 -9.60
CA ALA A 76 2.06 -23.80 -9.35
C ALA A 76 2.48 -23.10 -10.65
N GLU A 77 3.45 -23.69 -11.36
CA GLU A 77 3.90 -23.12 -12.62
C GLU A 77 2.78 -23.13 -13.66
N ALA A 78 2.03 -24.23 -13.71
CA ALA A 78 0.94 -24.34 -14.67
C ALA A 78 -0.12 -23.29 -14.36
N ALA A 79 -0.38 -23.07 -13.08
CA ALA A 79 -1.37 -22.07 -12.66
C ALA A 79 -0.90 -20.67 -13.02
N LEU A 80 0.39 -20.41 -12.85
CA LEU A 80 0.95 -19.10 -13.17
C LEU A 80 0.80 -18.82 -14.66
N GLU A 81 1.11 -19.82 -15.47
CA GLU A 81 0.99 -19.69 -16.92
C GLU A 81 -0.44 -19.36 -17.30
N ALA A 82 -1.38 -20.12 -16.72
CA ALA A 82 -2.79 -19.92 -17.01
C ALA A 82 -3.29 -18.57 -16.53
N ALA A 83 -2.87 -18.15 -15.34
CA ALA A 83 -3.31 -16.88 -14.77
C ALA A 83 -2.81 -15.68 -15.55
N TRP A 84 -1.56 -15.72 -16.00
CA TRP A 84 -1.03 -14.59 -16.77
C TRP A 84 -1.63 -14.56 -18.16
N LYS A 85 -1.87 -15.73 -18.75
CA LYS A 85 -2.48 -15.77 -20.07
C LYS A 85 -3.89 -15.19 -19.99
N ALA A 86 -4.62 -15.58 -18.93
CA ALA A 86 -5.98 -15.09 -18.74
C ALA A 86 -6.00 -13.58 -18.49
N PHE A 87 -5.04 -13.10 -17.71
CA PHE A 87 -4.96 -11.69 -17.38
C PHE A 87 -4.95 -10.80 -18.63
N LYS A 88 -4.23 -11.25 -19.65
CA LYS A 88 -4.12 -10.50 -20.90
C LYS A 88 -5.46 -10.03 -21.45
N THR A 89 -6.49 -10.87 -21.35
CA THR A 89 -7.80 -10.50 -21.85
C THR A 89 -8.78 -10.09 -20.74
N TRP A 90 -8.68 -10.73 -19.58
CA TRP A 90 -9.58 -10.43 -18.46
C TRP A 90 -9.45 -8.97 -18.03
N LYS A 91 -8.24 -8.43 -18.10
CA LYS A 91 -8.03 -7.04 -17.72
C LYS A 91 -8.78 -6.09 -18.65
N ASP A 92 -9.10 -6.54 -19.85
CA ASP A 92 -9.79 -5.69 -20.82
C ASP A 92 -11.31 -5.84 -20.85
N TRP A 93 -11.85 -6.71 -20.00
CA TRP A 93 -13.30 -6.86 -19.93
C TRP A 93 -13.89 -5.57 -19.37
N PRO A 94 -15.06 -5.15 -19.87
CA PRO A 94 -15.64 -3.93 -19.32
C PRO A 94 -15.95 -4.25 -17.86
N GLN A 95 -15.84 -3.28 -16.97
CA GLN A 95 -16.11 -3.54 -15.57
C GLN A 95 -17.55 -4.05 -15.36
N GLU A 96 -18.49 -3.54 -16.14
CA GLU A 96 -19.87 -3.97 -16.02
C GLU A 96 -20.00 -5.49 -16.25
N ASP A 97 -19.19 -6.01 -17.17
CA ASP A 97 -19.20 -7.45 -17.49
C ASP A 97 -18.59 -8.26 -16.35
N ARG A 98 -17.48 -7.78 -15.79
CA ARG A 98 -16.85 -8.49 -14.68
C ARG A 98 -17.77 -8.49 -13.46
N SER A 99 -18.41 -7.36 -13.21
CA SER A 99 -19.31 -7.26 -12.06
C SER A 99 -20.51 -8.18 -12.23
N ARG A 100 -21.06 -8.29 -13.44
CA ARG A 100 -22.19 -9.18 -13.65
C ARG A 100 -21.77 -10.64 -13.40
N LEU A 101 -20.52 -10.97 -13.72
CA LEU A 101 -20.03 -12.33 -13.49
C LEU A 101 -20.03 -12.60 -11.98
N LEU A 102 -19.58 -11.63 -11.20
CA LEU A 102 -19.58 -11.80 -9.74
C LEU A 102 -21.01 -11.96 -9.24
N LEU A 103 -21.93 -11.15 -9.74
CA LEU A 103 -23.32 -11.26 -9.29
C LEU A 103 -23.89 -12.64 -9.60
N LYS A 104 -23.49 -13.22 -10.72
CA LYS A 104 -23.96 -14.56 -11.07
C LYS A 104 -23.41 -15.55 -10.03
N ALA A 105 -22.13 -15.42 -9.71
CA ALA A 105 -21.52 -16.30 -8.73
C ALA A 105 -22.23 -16.18 -7.38
N ALA A 106 -22.60 -14.97 -6.99
CA ALA A 106 -23.29 -14.78 -5.71
C ALA A 106 -24.65 -15.48 -5.72
N ALA A 107 -25.36 -15.41 -6.85
CA ALA A 107 -26.66 -16.05 -6.96
C ALA A 107 -26.50 -17.57 -6.85
N LEU A 108 -25.46 -18.10 -7.48
CA LEU A 108 -25.21 -19.54 -7.41
C LEU A 108 -24.82 -19.96 -6.00
N MET A 109 -24.01 -19.15 -5.33
CA MET A 109 -23.59 -19.48 -3.97
C MET A 109 -24.80 -19.44 -3.04
N ARG A 110 -25.68 -18.45 -3.22
CA ARG A 110 -26.87 -18.32 -2.40
C ARG A 110 -27.75 -19.56 -2.53
N ARG A 111 -27.86 -20.10 -3.74
CA ARG A 111 -28.69 -21.28 -3.97
C ARG A 111 -28.09 -22.55 -3.38
N ARG A 112 -26.80 -22.51 -3.06
CA ARG A 112 -26.12 -23.67 -2.47
C ARG A 112 -25.70 -23.38 -1.03
N LYS A 113 -26.29 -22.36 -0.42
CA LYS A 113 -25.88 -22.00 0.93
C LYS A 113 -26.00 -23.09 2.00
N ARG A 114 -27.10 -23.83 2.02
CA ARG A 114 -27.27 -24.87 3.03
C ARG A 114 -26.18 -25.94 2.88
N GLU A 115 -25.85 -26.30 1.65
CA GLU A 115 -24.82 -27.28 1.40
C GLU A 115 -23.46 -26.77 1.90
N LEU A 116 -23.15 -25.52 1.60
CA LEU A 116 -21.88 -24.94 2.03
C LEU A 116 -21.82 -24.86 3.56
N GLU A 117 -22.93 -24.48 4.19
CA GLU A 117 -22.98 -24.41 5.64
C GLU A 117 -22.72 -25.79 6.23
N ALA A 118 -23.40 -26.80 5.69
CA ALA A 118 -23.23 -28.16 6.17
C ALA A 118 -21.79 -28.65 6.00
N THR A 119 -21.14 -28.22 4.93
CA THR A 119 -19.77 -28.63 4.70
C THR A 119 -18.87 -28.01 5.77
N LEU A 120 -19.16 -26.76 6.16
CA LEU A 120 -18.37 -26.11 7.20
C LEU A 120 -18.56 -26.82 8.54
N VAL A 121 -19.79 -27.24 8.82
CA VAL A 121 -20.09 -27.93 10.06
C VAL A 121 -19.19 -29.16 10.18
N TYR A 122 -19.15 -29.97 9.13
CA TYR A 122 -18.34 -31.17 9.15
C TYR A 122 -16.84 -31.01 8.95
N GLU A 123 -16.43 -30.07 8.10
CA GLU A 123 -15.00 -29.91 7.85
C GLU A 123 -14.22 -29.11 8.87
N VAL A 124 -14.82 -28.04 9.41
CA VAL A 124 -14.10 -27.24 10.40
C VAL A 124 -14.77 -27.12 11.76
N GLY A 125 -15.82 -27.90 11.97
CA GLY A 125 -16.48 -27.91 13.27
C GLY A 125 -17.27 -26.69 13.74
N LYS A 126 -17.89 -25.99 12.80
CA LYS A 126 -18.70 -24.83 13.17
C LYS A 126 -20.10 -25.32 13.50
N ASN A 127 -20.75 -24.70 14.48
CA ASN A 127 -22.12 -25.10 14.75
C ASN A 127 -22.96 -24.47 13.63
N TRP A 128 -24.27 -24.70 13.66
CA TRP A 128 -25.12 -24.22 12.56
C TRP A 128 -25.12 -22.73 12.28
N VAL A 129 -25.25 -21.90 13.31
CA VAL A 129 -25.28 -20.46 13.09
C VAL A 129 -23.93 -19.90 12.67
N GLU A 130 -22.85 -20.43 13.23
CA GLU A 130 -21.52 -19.97 12.85
C GLU A 130 -21.31 -20.29 11.36
N ALA A 131 -21.75 -21.47 10.93
CA ALA A 131 -21.61 -21.86 9.53
C ALA A 131 -22.43 -20.92 8.64
N SER A 132 -23.65 -20.62 9.06
CA SER A 132 -24.51 -19.73 8.27
C SER A 132 -23.90 -18.33 8.14
N ALA A 133 -23.32 -17.82 9.22
CA ALA A 133 -22.71 -16.49 9.20
C ALA A 133 -21.54 -16.45 8.22
N ASP A 134 -20.76 -17.54 8.18
CA ASP A 134 -19.59 -17.65 7.30
C ASP A 134 -20.04 -17.56 5.84
N VAL A 135 -20.97 -18.41 5.44
CA VAL A 135 -21.44 -18.39 4.06
C VAL A 135 -22.13 -17.07 3.71
N ALA A 136 -22.88 -16.50 4.65
CA ALA A 136 -23.55 -15.23 4.41
C ALA A 136 -22.53 -14.14 4.12
N GLU A 137 -21.42 -14.16 4.85
CA GLU A 137 -20.37 -13.17 4.66
C GLU A 137 -19.73 -13.34 3.27
N ALA A 138 -19.55 -14.58 2.83
CA ALA A 138 -18.98 -14.85 1.52
C ALA A 138 -19.85 -14.25 0.43
N ILE A 139 -21.16 -14.47 0.53
CA ILE A 139 -22.11 -13.93 -0.43
C ILE A 139 -22.01 -12.41 -0.39
N ASP A 140 -21.93 -11.85 0.82
CA ASP A 140 -21.80 -10.39 0.98
C ASP A 140 -20.57 -9.85 0.26
N PHE A 141 -19.42 -10.52 0.39
CA PHE A 141 -18.21 -10.05 -0.28
C PHE A 141 -18.43 -9.97 -1.79
N ILE A 142 -19.03 -11.00 -2.36
CA ILE A 142 -19.26 -11.01 -3.80
C ILE A 142 -20.19 -9.87 -4.21
N GLU A 143 -21.31 -9.74 -3.51
CA GLU A 143 -22.29 -8.70 -3.81
C GLU A 143 -21.70 -7.30 -3.64
N TYR A 144 -20.95 -7.12 -2.55
CA TYR A 144 -20.35 -5.82 -2.25
C TYR A 144 -19.25 -5.44 -3.24
N TYR A 145 -18.30 -6.35 -3.46
CA TYR A 145 -17.21 -6.04 -4.37
C TYR A 145 -17.68 -5.87 -5.81
N ALA A 146 -18.73 -6.58 -6.21
CA ALA A 146 -19.26 -6.43 -7.57
C ALA A 146 -19.69 -4.97 -7.79
N ARG A 147 -20.33 -4.41 -6.78
CA ARG A 147 -20.82 -3.03 -6.84
C ARG A 147 -19.68 -2.03 -6.64
N ALA A 148 -18.82 -2.29 -5.66
CA ALA A 148 -17.71 -1.39 -5.38
C ALA A 148 -16.77 -1.23 -6.55
N ALA A 149 -16.56 -2.30 -7.31
CA ALA A 149 -15.66 -2.27 -8.45
C ALA A 149 -16.09 -1.24 -9.50
N LEU A 150 -17.40 -1.03 -9.63
CA LEU A 150 -17.90 -0.07 -10.61
C LEU A 150 -17.48 1.36 -10.29
N ARG A 151 -17.18 1.62 -9.02
CA ARG A 151 -16.76 2.97 -8.61
C ARG A 151 -15.36 3.30 -9.13
N TYR A 152 -14.63 2.29 -9.61
CA TYR A 152 -13.28 2.50 -10.13
C TYR A 152 -13.22 2.41 -11.65
N ARG A 153 -14.37 2.30 -12.31
CA ARG A 153 -14.39 2.14 -13.76
C ARG A 153 -13.82 3.29 -14.57
N TYR A 154 -13.29 2.94 -15.74
CA TYR A 154 -12.66 3.89 -16.66
C TYR A 154 -13.51 5.08 -17.08
N PRO A 155 -13.02 6.32 -16.88
CA PRO A 155 -11.79 6.78 -16.24
C PRO A 155 -12.25 7.40 -14.92
N ALA A 156 -11.87 6.78 -13.81
CA ALA A 156 -12.34 7.20 -12.49
C ALA A 156 -11.62 8.29 -11.69
N VAL A 157 -10.44 8.70 -12.12
CA VAL A 157 -9.70 9.69 -11.32
C VAL A 157 -10.03 11.16 -11.54
N GLU A 158 -10.22 11.86 -10.43
CA GLU A 158 -10.51 13.29 -10.44
C GLU A 158 -9.21 14.08 -10.60
N VAL A 159 -9.07 14.76 -11.74
CA VAL A 159 -7.86 15.52 -12.00
C VAL A 159 -8.16 16.99 -12.35
N VAL A 160 -7.12 17.80 -12.29
CA VAL A 160 -7.22 19.22 -12.60
C VAL A 160 -6.99 19.39 -14.10
N PRO A 161 -7.89 20.12 -14.79
CA PRO A 161 -7.68 20.29 -16.23
C PRO A 161 -6.58 21.28 -16.58
N TYR A 162 -6.13 21.21 -17.83
CA TYR A 162 -5.07 22.09 -18.32
C TYR A 162 -5.46 22.54 -19.73
N PRO A 163 -5.21 23.81 -20.05
CA PRO A 163 -5.54 24.35 -21.37
C PRO A 163 -4.92 23.60 -22.56
N GLY A 164 -5.75 23.36 -23.58
CA GLY A 164 -5.30 22.69 -24.79
C GLY A 164 -4.92 21.24 -24.68
N GLU A 165 -5.30 20.60 -23.58
CA GLU A 165 -4.95 19.20 -23.34
C GLU A 165 -6.09 18.40 -22.74
N ASP A 166 -6.04 17.09 -23.00
CA ASP A 166 -6.96 16.16 -22.38
C ASP A 166 -6.07 15.42 -21.40
N ASN A 167 -6.46 15.40 -20.13
CA ASN A 167 -5.69 14.69 -19.11
C ASN A 167 -6.61 13.70 -18.47
N GLU A 168 -6.30 12.43 -18.69
CA GLU A 168 -7.12 11.34 -18.22
C GLU A 168 -6.36 10.34 -17.37
N SER A 169 -6.79 10.18 -16.13
CA SER A 169 -6.17 9.22 -15.24
C SER A 169 -7.19 8.12 -14.96
N PHE A 170 -6.70 6.88 -14.93
CA PHE A 170 -7.57 5.74 -14.71
C PHE A 170 -6.82 4.59 -14.08
N TYR A 171 -7.58 3.65 -13.52
CA TYR A 171 -6.99 2.50 -12.87
C TYR A 171 -6.89 1.30 -13.78
N VAL A 172 -5.86 0.50 -13.54
CA VAL A 172 -5.65 -0.74 -14.29
C VAL A 172 -5.25 -1.79 -13.28
N PRO A 173 -5.65 -3.04 -13.51
CA PRO A 173 -5.29 -4.12 -12.57
C PRO A 173 -3.79 -4.42 -12.61
N LEU A 174 -3.32 -5.11 -11.57
CA LEU A 174 -1.91 -5.44 -11.42
C LEU A 174 -1.41 -6.63 -12.22
N GLY A 175 -2.16 -7.74 -12.18
CA GLY A 175 -1.75 -8.93 -12.91
C GLY A 175 -2.20 -10.17 -12.18
N ALA A 176 -1.36 -11.20 -12.18
CA ALA A 176 -1.68 -12.46 -11.52
C ALA A 176 -1.05 -12.47 -10.13
N GLY A 177 -1.86 -12.81 -9.13
CA GLY A 177 -1.37 -12.86 -7.76
C GLY A 177 -1.79 -14.12 -7.05
N VAL A 178 -1.32 -14.29 -5.83
CA VAL A 178 -1.65 -15.47 -5.04
C VAL A 178 -2.43 -15.09 -3.79
N VAL A 179 -3.43 -15.91 -3.49
CA VAL A 179 -4.28 -15.73 -2.32
C VAL A 179 -3.97 -16.92 -1.41
N ILE A 180 -3.61 -16.63 -0.17
CA ILE A 180 -3.28 -17.67 0.80
C ILE A 180 -4.24 -17.44 1.96
N ALA A 181 -5.16 -18.39 2.15
CA ALA A 181 -6.22 -18.26 3.14
C ALA A 181 -6.17 -19.15 4.38
N PRO A 182 -6.91 -18.75 5.42
CA PRO A 182 -6.98 -19.46 6.70
C PRO A 182 -8.11 -20.49 6.71
N TRP A 183 -8.10 -21.37 7.71
CA TRP A 183 -9.12 -22.40 7.83
C TRP A 183 -10.32 -21.99 8.68
N ASN A 184 -10.23 -20.88 9.42
CA ASN A 184 -11.33 -20.52 10.30
C ASN A 184 -12.59 -19.94 9.63
N PHE A 185 -12.41 -19.26 8.50
CA PHE A 185 -13.54 -18.73 7.74
C PHE A 185 -13.17 -19.08 6.30
N PRO A 186 -13.14 -20.39 6.00
CA PRO A 186 -12.79 -20.95 4.70
C PRO A 186 -13.71 -20.72 3.53
N VAL A 187 -14.87 -20.12 3.78
CA VAL A 187 -15.75 -19.78 2.67
C VAL A 187 -15.70 -18.26 2.54
N ALA A 188 -16.02 -17.55 3.62
CA ALA A 188 -16.01 -16.09 3.60
C ALA A 188 -14.69 -15.42 3.23
N ILE A 189 -13.64 -15.66 4.02
CA ILE A 189 -12.36 -15.02 3.74
C ILE A 189 -11.72 -15.50 2.45
N PHE A 190 -11.84 -16.80 2.18
CA PHE A 190 -11.31 -17.39 0.96
C PHE A 190 -11.98 -16.69 -0.24
N THR A 191 -13.30 -16.58 -0.20
CA THR A 191 -14.04 -15.94 -1.29
C THR A 191 -13.71 -14.46 -1.43
N GLY A 192 -13.74 -13.72 -0.33
CA GLY A 192 -13.45 -12.30 -0.38
C GLY A 192 -12.08 -11.96 -0.94
N MET A 193 -11.06 -12.67 -0.47
CA MET A 193 -9.70 -12.40 -0.92
C MET A 193 -9.47 -12.72 -2.39
N ILE A 194 -10.30 -13.60 -2.94
CA ILE A 194 -10.20 -13.97 -4.35
C ILE A 194 -11.00 -13.01 -5.24
N VAL A 195 -12.28 -12.84 -4.93
CA VAL A 195 -13.14 -12.02 -5.77
C VAL A 195 -12.86 -10.52 -5.79
N GLY A 196 -12.29 -9.98 -4.71
CA GLY A 196 -11.99 -8.56 -4.70
C GLY A 196 -10.99 -8.25 -5.81
N PRO A 197 -9.82 -8.89 -5.80
CA PRO A 197 -8.82 -8.64 -6.85
C PRO A 197 -9.34 -8.99 -8.24
N VAL A 198 -10.05 -10.10 -8.34
CA VAL A 198 -10.58 -10.54 -9.63
C VAL A 198 -11.61 -9.58 -10.21
N ALA A 199 -12.45 -8.99 -9.34
CA ALA A 199 -13.49 -8.07 -9.79
C ALA A 199 -12.96 -6.93 -10.64
N VAL A 200 -11.80 -6.39 -10.25
CA VAL A 200 -11.23 -5.27 -10.98
C VAL A 200 -10.23 -5.63 -12.07
N GLY A 201 -10.16 -6.91 -12.43
CA GLY A 201 -9.28 -7.29 -13.53
C GLY A 201 -8.04 -8.10 -13.28
N ASN A 202 -7.77 -8.46 -12.03
CA ASN A 202 -6.61 -9.29 -11.72
C ASN A 202 -7.01 -10.74 -11.86
N THR A 203 -6.01 -11.63 -11.88
CA THR A 203 -6.27 -13.06 -11.92
C THR A 203 -5.62 -13.61 -10.66
N VAL A 204 -6.14 -14.74 -10.18
CA VAL A 204 -5.70 -15.31 -8.92
C VAL A 204 -5.43 -16.80 -8.87
N ILE A 205 -4.43 -17.15 -8.06
CA ILE A 205 -4.07 -18.53 -7.79
C ILE A 205 -4.39 -18.60 -6.29
N ALA A 206 -5.39 -19.40 -5.94
CA ALA A 206 -5.85 -19.53 -4.57
C ALA A 206 -5.33 -20.77 -3.85
N LYS A 207 -4.74 -20.55 -2.68
CA LYS A 207 -4.18 -21.63 -1.87
C LYS A 207 -4.97 -21.74 -0.57
N PRO A 208 -5.94 -22.66 -0.51
CA PRO A 208 -6.75 -22.84 0.70
C PRO A 208 -5.94 -23.44 1.82
N ALA A 209 -6.39 -23.22 3.06
CA ALA A 209 -5.72 -23.78 4.23
C ALA A 209 -5.91 -25.29 4.17
N GLU A 210 -4.90 -26.03 4.64
CA GLU A 210 -4.94 -27.48 4.62
C GLU A 210 -6.17 -28.07 5.29
N ASP A 211 -6.62 -27.46 6.39
CA ASP A 211 -7.78 -27.95 7.14
C ASP A 211 -9.14 -27.64 6.51
N ALA A 212 -9.16 -26.89 5.42
CA ALA A 212 -10.43 -26.53 4.78
C ALA A 212 -10.39 -26.64 3.26
N VAL A 213 -9.68 -27.62 2.75
CA VAL A 213 -9.55 -27.81 1.31
C VAL A 213 -10.83 -28.24 0.60
N VAL A 214 -11.69 -29.00 1.29
CA VAL A 214 -12.93 -29.45 0.66
C VAL A 214 -13.91 -28.31 0.39
N VAL A 215 -14.15 -27.47 1.38
CA VAL A 215 -15.08 -26.37 1.16
C VAL A 215 -14.49 -25.39 0.14
N GLY A 216 -13.17 -25.29 0.07
CA GLY A 216 -12.55 -24.42 -0.91
C GLY A 216 -12.86 -24.94 -2.31
N ALA A 217 -12.84 -26.26 -2.46
CA ALA A 217 -13.15 -26.86 -3.74
C ALA A 217 -14.60 -26.57 -4.14
N LYS A 218 -15.51 -26.60 -3.17
CA LYS A 218 -16.91 -26.34 -3.48
C LYS A 218 -17.09 -24.89 -3.93
N VAL A 219 -16.31 -23.98 -3.37
CA VAL A 219 -16.40 -22.59 -3.79
C VAL A 219 -15.97 -22.52 -5.25
N PHE A 220 -14.94 -23.29 -5.62
CA PHE A 220 -14.50 -23.28 -7.00
C PHE A 220 -15.50 -23.93 -7.94
N GLU A 221 -16.32 -24.85 -7.44
CA GLU A 221 -17.34 -25.44 -8.29
C GLU A 221 -18.29 -24.31 -8.70
N ILE A 222 -18.54 -23.40 -7.76
CA ILE A 222 -19.41 -22.26 -8.03
C ILE A 222 -18.76 -21.32 -9.05
N PHE A 223 -17.46 -21.04 -8.89
CA PHE A 223 -16.77 -20.16 -9.84
C PHE A 223 -16.83 -20.77 -11.24
N HIS A 224 -16.63 -22.09 -11.32
CA HIS A 224 -16.65 -22.76 -12.60
C HIS A 224 -18.03 -22.65 -13.24
N GLU A 225 -19.07 -22.93 -12.46
CA GLU A 225 -20.43 -22.86 -12.98
C GLU A 225 -20.81 -21.44 -13.40
N ALA A 226 -20.31 -20.44 -12.68
CA ALA A 226 -20.61 -19.04 -12.99
C ALA A 226 -20.04 -18.66 -14.35
N GLY A 227 -18.93 -19.30 -14.73
CA GLY A 227 -18.35 -19.02 -16.03
C GLY A 227 -17.12 -18.14 -16.09
N PHE A 228 -16.36 -18.06 -15.01
CA PHE A 228 -15.14 -17.26 -15.06
C PHE A 228 -14.24 -17.85 -16.15
N PRO A 229 -13.67 -17.01 -17.01
CA PRO A 229 -12.80 -17.50 -18.09
C PRO A 229 -11.65 -18.35 -17.56
N PRO A 230 -11.18 -19.32 -18.36
CA PRO A 230 -10.08 -20.16 -17.93
C PRO A 230 -8.87 -19.36 -17.48
N GLY A 231 -8.32 -19.73 -16.33
CA GLY A 231 -7.16 -19.04 -15.80
C GLY A 231 -7.42 -17.85 -14.89
N VAL A 232 -8.63 -17.30 -14.90
CA VAL A 232 -8.92 -16.14 -14.06
C VAL A 232 -8.84 -16.50 -12.57
N VAL A 233 -9.35 -17.67 -12.20
CA VAL A 233 -9.24 -18.15 -10.82
C VAL A 233 -8.74 -19.60 -10.87
N ASN A 234 -7.77 -19.90 -10.03
CA ASN A 234 -7.17 -21.23 -9.98
C ASN A 234 -7.13 -21.72 -8.54
N PHE A 235 -7.39 -23.02 -8.36
CA PHE A 235 -7.47 -23.66 -7.05
C PHE A 235 -6.29 -24.60 -6.82
N LEU A 236 -5.41 -24.23 -5.89
CA LEU A 236 -4.23 -25.03 -5.60
C LEU A 236 -4.06 -25.47 -4.15
N PRO A 237 -4.90 -26.41 -3.70
CA PRO A 237 -4.77 -26.88 -2.32
C PRO A 237 -3.38 -27.52 -2.20
N GLY A 238 -2.74 -27.31 -1.05
CA GLY A 238 -1.42 -27.85 -0.85
C GLY A 238 -0.82 -27.35 0.45
N VAL A 239 0.44 -27.72 0.69
CA VAL A 239 1.12 -27.32 1.91
C VAL A 239 1.62 -25.87 1.84
N GLY A 240 1.25 -25.09 2.85
CA GLY A 240 1.64 -23.69 2.89
C GLY A 240 3.11 -23.41 2.72
N GLU A 241 3.94 -24.04 3.55
CA GLU A 241 5.39 -23.82 3.51
C GLU A 241 6.02 -24.37 2.23
N GLU A 242 5.22 -25.07 1.43
CA GLU A 242 5.71 -25.63 0.18
C GLU A 242 5.21 -24.81 -1.00
N VAL A 243 4.02 -25.12 -1.52
CA VAL A 243 3.50 -24.39 -2.66
C VAL A 243 3.17 -22.93 -2.33
N GLY A 244 2.74 -22.67 -1.10
CA GLY A 244 2.43 -21.30 -0.73
C GLY A 244 3.67 -20.43 -0.77
N ALA A 245 4.72 -20.87 -0.11
CA ALA A 245 5.98 -20.13 -0.07
C ALA A 245 6.58 -20.00 -1.48
N TYR A 246 6.44 -21.06 -2.27
CA TYR A 246 6.96 -21.05 -3.63
C TYR A 246 6.36 -19.89 -4.43
N LEU A 247 5.06 -19.70 -4.30
CA LEU A 247 4.40 -18.62 -5.02
C LEU A 247 4.73 -17.25 -4.44
N VAL A 248 4.79 -17.16 -3.11
CA VAL A 248 5.13 -15.89 -2.47
C VAL A 248 6.49 -15.37 -2.93
N GLU A 249 7.45 -16.27 -3.07
CA GLU A 249 8.81 -15.90 -3.46
C GLU A 249 9.06 -15.85 -4.97
N HIS A 250 8.05 -16.22 -5.75
CA HIS A 250 8.18 -16.27 -7.20
C HIS A 250 8.34 -14.91 -7.87
N PRO A 251 9.28 -14.80 -8.82
CA PRO A 251 9.47 -13.51 -9.50
C PRO A 251 8.27 -13.08 -10.35
N ARG A 252 7.44 -14.04 -10.74
CA ARG A 252 6.28 -13.73 -11.58
C ARG A 252 4.95 -13.54 -10.84
N ILE A 253 4.99 -13.52 -9.51
CA ILE A 253 3.78 -13.29 -8.72
C ILE A 253 3.75 -11.77 -8.46
N ARG A 254 2.66 -11.13 -8.87
CA ARG A 254 2.52 -9.68 -8.75
C ARG A 254 2.12 -9.16 -7.37
N PHE A 255 1.24 -9.90 -6.71
CA PHE A 255 0.77 -9.49 -5.39
C PHE A 255 0.42 -10.72 -4.58
N ILE A 256 0.38 -10.54 -3.27
CA ILE A 256 0.05 -11.61 -2.34
C ILE A 256 -1.04 -11.10 -1.42
N ASN A 257 -2.13 -11.86 -1.33
CA ASN A 257 -3.24 -11.50 -0.44
C ASN A 257 -3.26 -12.62 0.58
N PHE A 258 -2.87 -12.30 1.81
CA PHE A 258 -2.77 -13.29 2.87
C PHE A 258 -3.55 -12.97 4.13
N THR A 259 -4.16 -14.00 4.70
CA THR A 259 -4.87 -13.87 5.96
C THR A 259 -4.47 -15.12 6.73
N GLY A 260 -3.89 -14.92 7.90
CA GLY A 260 -3.44 -16.05 8.70
C GLY A 260 -2.68 -15.59 9.93
N SER A 261 -1.82 -16.46 10.44
CA SER A 261 -1.04 -16.17 11.62
C SER A 261 0.03 -15.10 11.43
N LEU A 262 0.38 -14.44 12.53
CA LEU A 262 1.41 -13.42 12.50
C LEU A 262 2.74 -14.06 12.09
N GLU A 263 3.03 -15.24 12.63
CA GLU A 263 4.28 -15.90 12.31
C GLU A 263 4.47 -16.04 10.81
N VAL A 264 3.45 -16.51 10.11
CA VAL A 264 3.53 -16.67 8.68
C VAL A 264 3.47 -15.33 7.96
N GLY A 265 2.61 -14.43 8.45
CA GLY A 265 2.50 -13.11 7.84
C GLY A 265 3.82 -12.36 7.82
N LEU A 266 4.59 -12.48 8.88
CA LEU A 266 5.89 -11.82 8.96
C LEU A 266 6.81 -12.34 7.88
N LYS A 267 6.81 -13.66 7.70
CA LYS A 267 7.65 -14.29 6.68
C LYS A 267 7.24 -13.84 5.29
N ILE A 268 5.94 -13.79 5.04
CA ILE A 268 5.44 -13.38 3.74
C ILE A 268 5.76 -11.93 3.44
N TYR A 269 5.58 -11.04 4.42
CA TYR A 269 5.85 -9.63 4.20
C TYR A 269 7.34 -9.40 3.92
N GLU A 270 8.20 -10.14 4.61
CA GLU A 270 9.63 -10.01 4.40
C GLU A 270 10.00 -10.51 3.01
N ALA A 271 9.48 -11.67 2.62
CA ALA A 271 9.76 -12.23 1.31
C ALA A 271 9.26 -11.31 0.19
N ALA A 272 8.10 -10.69 0.39
CA ALA A 272 7.53 -9.80 -0.62
C ALA A 272 8.39 -8.58 -0.85
N GLY A 273 9.19 -8.21 0.15
CA GLY A 273 10.06 -7.06 0.01
C GLY A 273 11.32 -7.32 -0.77
N ARG A 274 11.59 -8.59 -1.06
CA ARG A 274 12.79 -8.97 -1.82
C ARG A 274 12.53 -9.02 -3.32
N LEU A 275 13.56 -8.69 -4.10
CA LEU A 275 13.44 -8.75 -5.54
C LEU A 275 13.97 -10.13 -5.97
N ALA A 276 13.07 -11.04 -6.29
CA ALA A 276 13.48 -12.37 -6.73
C ALA A 276 14.21 -12.22 -8.06
N PRO A 277 15.11 -13.17 -8.38
CA PRO A 277 15.85 -13.09 -9.64
C PRO A 277 14.94 -12.95 -10.86
N GLY A 278 15.14 -11.88 -11.61
CA GLY A 278 14.35 -11.64 -12.81
C GLY A 278 13.04 -10.89 -12.58
N GLN A 279 12.73 -10.60 -11.33
CA GLN A 279 11.49 -9.89 -10.98
C GLN A 279 11.54 -8.46 -11.52
N THR A 280 10.43 -7.99 -12.07
CA THR A 280 10.39 -6.64 -12.65
C THR A 280 9.38 -5.69 -12.02
N TRP A 281 9.12 -5.85 -10.73
CA TRP A 281 8.21 -4.97 -10.02
C TRP A 281 8.40 -5.10 -8.54
N PHE A 282 7.80 -4.18 -7.80
CA PHE A 282 7.83 -4.21 -6.35
C PHE A 282 6.53 -4.92 -5.98
N LYS A 283 6.65 -6.10 -5.39
CA LYS A 283 5.47 -6.86 -5.01
C LYS A 283 4.63 -6.18 -3.95
N ARG A 284 3.31 -6.33 -4.06
CA ARG A 284 2.42 -5.80 -3.06
C ARG A 284 2.00 -6.99 -2.23
N ALA A 285 2.06 -6.85 -0.92
CA ALA A 285 1.68 -7.92 -0.02
C ALA A 285 0.74 -7.37 1.04
N TYR A 286 -0.44 -7.96 1.11
CA TYR A 286 -1.43 -7.56 2.10
C TYR A 286 -1.51 -8.73 3.06
N VAL A 287 -1.19 -8.46 4.32
CA VAL A 287 -1.21 -9.50 5.33
C VAL A 287 -2.07 -9.09 6.52
N GLU A 288 -3.14 -9.84 6.74
CA GLU A 288 -4.05 -9.58 7.85
C GLU A 288 -3.74 -10.75 8.78
N THR A 289 -3.16 -10.41 9.91
N THR A 289 -3.11 -10.44 9.91
CA THR A 289 -2.72 -11.38 10.88
CA THR A 289 -2.60 -11.44 10.84
C THR A 289 -3.63 -11.50 12.08
C THR A 289 -3.10 -11.69 12.28
N GLY A 290 -3.12 -12.08 13.16
N GLY A 290 -4.41 -11.59 12.52
CA GLY A 290 -3.92 -12.29 14.34
CA GLY A 290 -4.94 -11.87 13.86
C GLY A 290 -4.18 -11.09 15.23
C GLY A 290 -4.78 -10.82 14.95
N GLY A 291 -4.76 -11.38 16.38
N GLY A 291 -5.10 -11.21 16.20
CA GLY A 291 -5.06 -10.33 17.34
CA GLY A 291 -5.00 -10.28 17.32
C GLY A 291 -5.12 -10.90 18.74
C GLY A 291 -5.11 -10.89 18.71
N LYS A 292 -5.14 -10.01 19.73
CA LYS A 292 -5.25 -10.41 21.14
C LYS A 292 -6.26 -9.38 21.62
N ASP A 293 -7.50 -9.61 21.21
CA ASP A 293 -8.59 -8.69 21.45
C ASP A 293 -9.20 -8.64 22.85
N ALA A 294 -9.40 -7.42 23.33
CA ALA A 294 -9.96 -7.22 24.66
C ALA A 294 -11.29 -6.50 24.67
N ILE A 295 -12.08 -6.83 25.69
CA ILE A 295 -13.34 -6.15 25.95
C ILE A 295 -13.14 -5.52 27.32
N ILE A 296 -13.35 -4.22 27.40
CA ILE A 296 -13.25 -3.48 28.66
C ILE A 296 -14.66 -3.30 29.19
N VAL A 297 -14.84 -3.50 30.48
CA VAL A 297 -16.15 -3.26 31.09
C VAL A 297 -15.90 -2.39 32.32
N ASP A 298 -16.59 -1.26 32.42
CA ASP A 298 -16.42 -0.42 33.60
C ASP A 298 -17.66 -0.55 34.49
N GLU A 299 -17.64 0.11 35.65
CA GLU A 299 -18.74 -0.02 36.61
C GLU A 299 -20.09 0.56 36.21
N THR A 300 -20.15 1.30 35.10
CA THR A 300 -21.41 1.89 34.67
C THR A 300 -22.16 1.03 33.66
N ALA A 301 -21.52 -0.05 33.22
CA ALA A 301 -22.11 -0.93 32.23
C ALA A 301 -23.30 -1.75 32.68
N ASP A 302 -24.03 -2.27 31.70
CA ASP A 302 -25.14 -3.17 31.95
C ASP A 302 -24.37 -4.49 32.05
N PHE A 303 -24.15 -4.95 33.27
CA PHE A 303 -23.39 -6.17 33.52
C PHE A 303 -23.92 -7.43 32.85
N ASP A 304 -25.24 -7.56 32.78
CA ASP A 304 -25.81 -8.75 32.14
C ASP A 304 -25.57 -8.71 30.65
N LEU A 305 -25.73 -7.53 30.06
CA LEU A 305 -25.52 -7.35 28.62
C LEU A 305 -24.04 -7.63 28.33
N ALA A 306 -23.17 -7.09 29.17
CA ALA A 306 -21.74 -7.28 28.99
C ALA A 306 -21.34 -8.75 29.08
N ALA A 307 -21.81 -9.44 30.10
CA ALA A 307 -21.46 -10.85 30.27
C ALA A 307 -21.87 -11.68 29.06
N GLU A 308 -23.06 -11.42 28.53
CA GLU A 308 -23.55 -12.15 27.37
C GLU A 308 -22.65 -11.88 26.15
N GLY A 309 -22.32 -10.61 25.93
CA GLY A 309 -21.48 -10.25 24.80
C GLY A 309 -20.07 -10.80 24.92
N VAL A 310 -19.57 -10.87 26.15
CA VAL A 310 -18.23 -11.41 26.38
C VAL A 310 -18.22 -12.90 26.08
N VAL A 311 -19.23 -13.63 26.55
CA VAL A 311 -19.27 -15.07 26.30
C VAL A 311 -19.40 -15.36 24.81
N VAL A 312 -20.24 -14.60 24.10
CA VAL A 312 -20.38 -14.81 22.68
C VAL A 312 -19.05 -14.51 21.96
N SER A 313 -18.41 -13.40 22.33
CA SER A 313 -17.16 -12.99 21.72
C SER A 313 -15.99 -13.91 22.00
N ALA A 314 -15.95 -14.47 23.20
CA ALA A 314 -14.85 -15.34 23.60
C ALA A 314 -14.97 -16.78 23.16
N TYR A 315 -16.19 -17.31 23.13
CA TYR A 315 -16.38 -18.71 22.80
C TYR A 315 -17.04 -19.06 21.47
N GLY A 316 -17.50 -18.04 20.74
CA GLY A 316 -18.09 -18.30 19.43
C GLY A 316 -17.05 -19.02 18.58
N PHE A 317 -17.45 -20.08 17.90
CA PHE A 317 -16.54 -20.90 17.09
C PHE A 317 -15.30 -21.28 17.89
N GLN A 318 -15.52 -21.60 19.16
CA GLN A 318 -14.47 -22.04 20.05
C GLN A 318 -13.30 -21.06 20.20
N GLY A 319 -13.59 -19.78 20.03
CA GLY A 319 -12.56 -18.75 20.16
C GLY A 319 -11.59 -18.72 19.00
N GLN A 320 -11.90 -19.45 17.93
CA GLN A 320 -11.03 -19.51 16.76
C GLN A 320 -11.34 -18.41 15.77
N LYS A 321 -11.27 -17.17 16.25
CA LYS A 321 -11.54 -16.00 15.43
C LYS A 321 -10.47 -14.96 15.69
N CYS A 322 -10.04 -14.27 14.65
CA CYS A 322 -9.03 -13.23 14.83
C CYS A 322 -9.63 -12.09 15.67
N SER A 323 -10.94 -12.03 15.70
CA SER A 323 -11.69 -11.00 16.42
C SER A 323 -12.17 -11.42 17.82
N ALA A 324 -11.92 -12.67 18.18
CA ALA A 324 -12.37 -13.21 19.47
C ALA A 324 -11.88 -12.46 20.70
N ALA A 325 -12.76 -12.30 21.68
CA ALA A 325 -12.37 -11.67 22.91
C ALA A 325 -11.54 -12.69 23.69
N SER A 326 -10.23 -12.48 23.78
CA SER A 326 -9.37 -13.37 24.54
C SER A 326 -8.91 -12.69 25.83
N ARG A 327 -9.26 -11.41 25.97
CA ARG A 327 -8.93 -10.64 27.16
C ARG A 327 -10.17 -9.91 27.64
N LEU A 328 -10.43 -9.97 28.94
CA LEU A 328 -11.56 -9.28 29.55
C LEU A 328 -10.94 -8.37 30.60
N ILE A 329 -10.96 -7.06 30.33
CA ILE A 329 -10.38 -6.07 31.23
C ILE A 329 -11.49 -5.43 32.04
N LEU A 330 -11.48 -5.69 33.35
CA LEU A 330 -12.50 -5.17 34.23
C LEU A 330 -11.99 -4.15 35.23
N THR A 331 -12.66 -3.01 35.34
CA THR A 331 -12.26 -2.01 36.31
C THR A 331 -12.66 -2.57 37.67
N GLN A 332 -12.11 -2.02 38.74
CA GLN A 332 -12.41 -2.54 40.07
C GLN A 332 -13.88 -2.72 40.39
N GLY A 333 -14.70 -1.72 40.08
CA GLY A 333 -16.12 -1.80 40.35
C GLY A 333 -16.89 -2.80 39.51
N ALA A 334 -16.33 -3.20 38.37
CA ALA A 334 -17.00 -4.14 37.50
C ALA A 334 -16.48 -5.57 37.65
N TYR A 335 -15.33 -5.73 38.29
CA TYR A 335 -14.71 -7.05 38.43
C TYR A 335 -15.59 -8.19 38.93
N GLU A 336 -16.03 -8.10 40.19
CA GLU A 336 -16.85 -9.16 40.77
C GLU A 336 -18.18 -9.35 40.03
N PRO A 337 -18.94 -8.26 39.81
CA PRO A 337 -20.22 -8.39 39.12
C PRO A 337 -20.15 -9.05 37.74
N VAL A 338 -19.21 -8.60 36.92
CA VAL A 338 -19.07 -9.14 35.58
C VAL A 338 -18.48 -10.54 35.55
N LEU A 339 -17.42 -10.78 36.32
CA LEU A 339 -16.81 -12.11 36.32
C LEU A 339 -17.78 -13.18 36.78
N GLU A 340 -18.55 -12.89 37.83
CA GLU A 340 -19.50 -13.88 38.33
C GLU A 340 -20.52 -14.22 37.25
N ARG A 341 -20.99 -13.21 36.53
CA ARG A 341 -21.97 -13.41 35.47
C ARG A 341 -21.37 -14.16 34.28
N VAL A 342 -20.13 -13.84 33.94
CA VAL A 342 -19.46 -14.51 32.84
C VAL A 342 -19.27 -16.00 33.15
N LEU A 343 -18.85 -16.30 34.38
CA LEU A 343 -18.64 -17.69 34.78
C LEU A 343 -19.94 -18.48 34.77
N LYS A 344 -21.01 -17.87 35.25
CA LYS A 344 -22.32 -18.54 35.29
C LYS A 344 -22.81 -18.88 33.90
N ARG A 345 -22.63 -17.95 32.96
CA ARG A 345 -23.07 -18.18 31.59
C ARG A 345 -22.16 -19.19 30.88
N ALA A 346 -20.85 -19.04 31.06
CA ALA A 346 -19.91 -19.92 30.41
C ALA A 346 -20.01 -21.38 30.85
N GLU A 347 -20.33 -21.61 32.11
CA GLU A 347 -20.43 -22.99 32.59
C GLU A 347 -21.65 -23.72 32.05
N ARG A 348 -22.58 -23.00 31.42
CA ARG A 348 -23.78 -23.61 30.87
C ARG A 348 -23.63 -23.93 29.37
N LEU A 349 -22.48 -23.58 28.81
CA LEU A 349 -22.23 -23.82 27.39
C LEU A 349 -22.06 -25.30 27.07
N SER A 350 -22.76 -25.76 26.04
CA SER A 350 -22.66 -27.15 25.62
C SER A 350 -21.49 -27.31 24.65
N VAL A 351 -20.84 -28.47 24.71
CA VAL A 351 -19.71 -28.78 23.85
C VAL A 351 -19.92 -30.17 23.28
N GLY A 352 -19.81 -30.30 21.96
CA GLY A 352 -20.00 -31.60 21.35
C GLY A 352 -19.87 -31.55 19.85
N PRO A 353 -20.18 -32.66 19.16
CA PRO A 353 -20.10 -32.73 17.70
C PRO A 353 -20.84 -31.56 17.07
N ALA A 354 -20.18 -30.87 16.14
CA ALA A 354 -20.75 -29.72 15.48
C ALA A 354 -22.11 -29.98 14.84
N GLU A 355 -22.32 -31.18 14.31
CA GLU A 355 -23.58 -31.52 13.68
C GLU A 355 -24.77 -31.42 14.63
N GLU A 356 -24.51 -31.55 15.93
CA GLU A 356 -25.56 -31.47 16.95
C GLU A 356 -25.93 -30.02 17.28
N ASN A 357 -25.25 -29.08 16.63
CA ASN A 357 -25.47 -27.65 16.86
C ASN A 357 -25.27 -27.24 18.32
N PRO A 358 -24.14 -27.61 18.91
CA PRO A 358 -23.82 -27.28 20.30
C PRO A 358 -23.36 -25.83 20.37
N ASP A 359 -23.18 -25.30 21.56
CA ASP A 359 -22.70 -23.93 21.68
C ASP A 359 -21.26 -23.91 21.16
N LEU A 360 -20.51 -24.97 21.45
CA LEU A 360 -19.14 -25.10 20.98
C LEU A 360 -18.90 -26.46 20.36
N GLY A 361 -18.27 -26.45 19.19
CA GLY A 361 -17.90 -27.68 18.55
C GLY A 361 -16.46 -27.94 18.99
N PRO A 362 -15.69 -28.73 18.23
CA PRO A 362 -14.30 -29.04 18.56
C PRO A 362 -13.37 -28.00 17.95
N VAL A 363 -12.11 -27.98 18.41
CA VAL A 363 -11.16 -27.08 17.76
C VAL A 363 -10.85 -27.83 16.46
N VAL A 364 -10.27 -27.14 15.49
CA VAL A 364 -10.07 -27.71 14.16
C VAL A 364 -9.17 -28.91 13.89
N SER A 365 -8.14 -29.12 14.70
CA SER A 365 -7.22 -30.23 14.45
C SER A 365 -6.49 -30.68 15.69
N ALA A 366 -5.78 -31.80 15.56
CA ALA A 366 -5.01 -32.34 16.67
C ALA A 366 -3.91 -31.35 17.05
N GLU A 367 -3.30 -30.70 16.07
CA GLU A 367 -2.24 -29.75 16.36
C GLU A 367 -2.80 -28.51 17.06
N GLN A 368 -3.96 -28.04 16.64
CA GLN A 368 -4.55 -26.89 17.30
C GLN A 368 -4.91 -27.26 18.74
N GLU A 369 -5.41 -28.48 18.92
CA GLU A 369 -5.76 -28.95 20.25
C GLU A 369 -4.51 -28.96 21.14
N ARG A 370 -3.41 -29.48 20.61
CA ARG A 370 -2.17 -29.54 21.38
C ARG A 370 -1.71 -28.15 21.78
N LYS A 371 -1.78 -27.21 20.85
CA LYS A 371 -1.35 -25.83 21.12
C LYS A 371 -2.21 -25.15 22.18
N VAL A 372 -3.52 -25.28 22.07
CA VAL A 372 -4.41 -24.67 23.05
C VAL A 372 -4.19 -25.28 24.43
N LEU A 373 -4.06 -26.60 24.49
CA LEU A 373 -3.83 -27.27 25.77
C LEU A 373 -2.48 -26.84 26.35
N SER A 374 -1.50 -26.60 25.48
CA SER A 374 -0.18 -26.17 25.93
C SER A 374 -0.28 -24.78 26.57
N TYR A 375 -1.06 -23.89 25.94
CA TYR A 375 -1.24 -22.55 26.49
C TYR A 375 -1.99 -22.59 27.80
N ILE A 376 -2.87 -23.57 27.96
CA ILE A 376 -3.61 -23.70 29.21
C ILE A 376 -2.63 -24.07 30.33
N GLU A 377 -1.66 -24.94 30.03
CA GLU A 377 -0.68 -25.32 31.03
C GLU A 377 0.20 -24.14 31.40
N ILE A 378 0.52 -23.31 30.41
CA ILE A 378 1.32 -22.11 30.64
C ILE A 378 0.50 -21.16 31.52
N GLY A 379 -0.77 -21.03 31.19
CA GLY A 379 -1.67 -20.16 31.93
C GLY A 379 -1.80 -20.51 33.40
N LYS A 380 -1.76 -21.79 33.72
CA LYS A 380 -1.88 -22.24 35.10
C LYS A 380 -0.76 -21.70 35.99
N ASN A 381 0.36 -21.35 35.37
CA ASN A 381 1.51 -20.83 36.11
C ASN A 381 1.62 -19.30 35.98
N GLU A 382 0.63 -18.68 35.34
CA GLU A 382 0.63 -17.23 35.16
C GLU A 382 -0.56 -16.58 35.85
N GLY A 383 -1.73 -17.21 35.71
CA GLY A 383 -2.93 -16.67 36.32
C GLY A 383 -3.64 -17.73 37.14
N GLN A 384 -4.89 -17.44 37.53
CA GLN A 384 -5.67 -18.37 38.32
C GLN A 384 -6.78 -19.00 37.50
N LEU A 385 -6.71 -20.31 37.31
CA LEU A 385 -7.72 -21.03 36.55
C LEU A 385 -9.00 -21.09 37.37
N VAL A 386 -10.10 -20.56 36.81
CA VAL A 386 -11.37 -20.58 37.52
C VAL A 386 -12.50 -21.30 36.78
N LEU A 387 -12.23 -21.77 35.57
CA LEU A 387 -13.22 -22.50 34.79
C LEU A 387 -12.56 -23.29 33.66
N GLY A 388 -13.01 -24.53 33.48
CA GLY A 388 -12.49 -25.39 32.42
C GLY A 388 -11.02 -25.73 32.50
N GLY A 389 -10.32 -25.57 31.38
CA GLY A 389 -8.90 -25.85 31.34
C GLY A 389 -8.57 -27.31 31.08
N LYS A 390 -9.49 -28.04 30.45
CA LYS A 390 -9.27 -29.45 30.17
C LYS A 390 -9.88 -29.90 28.84
N ARG A 391 -9.35 -30.97 28.29
CA ARG A 391 -9.88 -31.54 27.06
C ARG A 391 -11.04 -32.40 27.56
N LEU A 392 -12.11 -32.45 26.79
CA LEU A 392 -13.26 -33.24 27.18
C LEU A 392 -13.14 -34.64 26.61
N GLU A 393 -13.98 -35.55 27.08
CA GLU A 393 -13.97 -36.92 26.61
C GLU A 393 -14.48 -37.01 25.18
N GLY A 394 -13.92 -37.95 24.41
CA GLY A 394 -14.33 -38.11 23.03
C GLY A 394 -13.19 -38.03 22.05
N GLU A 395 -13.37 -38.65 20.89
CA GLU A 395 -12.36 -38.66 19.85
C GLU A 395 -12.18 -37.27 19.24
N GLY A 396 -13.27 -36.50 19.19
CA GLY A 396 -13.21 -35.16 18.66
C GLY A 396 -12.29 -34.27 19.49
N TYR A 397 -11.84 -33.17 18.91
CA TYR A 397 -10.93 -32.26 19.60
C TYR A 397 -11.70 -31.26 20.47
N PHE A 398 -12.42 -31.78 21.47
CA PHE A 398 -13.22 -30.97 22.35
C PHE A 398 -12.49 -30.40 23.55
N ILE A 399 -12.53 -29.08 23.68
CA ILE A 399 -11.90 -28.38 24.79
C ILE A 399 -12.98 -27.55 25.49
N ALA A 400 -12.99 -27.59 26.81
CA ALA A 400 -13.99 -26.86 27.58
C ALA A 400 -13.71 -25.37 27.67
N PRO A 401 -14.77 -24.55 27.71
CA PRO A 401 -14.60 -23.10 27.82
C PRO A 401 -13.73 -22.88 29.03
N THR A 402 -12.66 -22.11 28.86
CA THR A 402 -11.70 -21.87 29.92
C THR A 402 -11.57 -20.41 30.31
N VAL A 403 -11.41 -20.15 31.60
CA VAL A 403 -11.25 -18.80 32.11
C VAL A 403 -10.13 -18.73 33.14
N PHE A 404 -9.22 -17.77 32.95
CA PHE A 404 -8.14 -17.52 33.89
C PHE A 404 -8.40 -16.12 34.41
N THR A 405 -8.19 -15.88 35.70
CA THR A 405 -8.39 -14.53 36.23
C THR A 405 -7.15 -14.06 36.96
N GLU A 406 -7.17 -12.78 37.36
CA GLU A 406 -6.03 -12.15 38.04
C GLU A 406 -4.79 -12.36 37.17
N VAL A 407 -4.98 -12.28 35.86
CA VAL A 407 -3.89 -12.47 34.92
C VAL A 407 -3.05 -11.22 34.76
N PRO A 408 -1.72 -11.35 34.88
CA PRO A 408 -0.86 -10.16 34.72
C PRO A 408 -0.94 -9.73 33.26
N PRO A 409 -1.04 -8.41 33.01
CA PRO A 409 -1.12 -7.90 31.64
C PRO A 409 -0.02 -8.39 30.69
N LYS A 410 1.18 -8.60 31.23
CA LYS A 410 2.31 -9.04 30.40
C LYS A 410 2.52 -10.55 30.37
N ALA A 411 1.61 -11.30 30.97
CA ALA A 411 1.70 -12.76 30.97
C ALA A 411 1.57 -13.25 29.53
N ARG A 412 2.16 -14.41 29.24
CA ARG A 412 2.06 -14.95 27.89
C ARG A 412 0.60 -15.14 27.44
N ILE A 413 -0.26 -15.61 28.34
CA ILE A 413 -1.65 -15.82 27.95
C ILE A 413 -2.42 -14.49 27.78
N ALA A 414 -1.79 -13.38 28.16
CA ALA A 414 -2.43 -12.07 27.99
C ALA A 414 -1.79 -11.31 26.83
N GLN A 415 -0.83 -11.94 26.17
CA GLN A 415 -0.11 -11.31 25.06
C GLN A 415 -0.10 -12.11 23.76
N GLU A 416 -0.07 -13.43 23.88
CA GLU A 416 0.00 -14.29 22.71
C GLU A 416 -1.36 -14.85 22.28
N GLU A 417 -1.56 -14.91 20.97
CA GLU A 417 -2.83 -15.42 20.43
C GLU A 417 -2.92 -16.93 20.60
N ILE A 418 -3.87 -17.37 21.42
CA ILE A 418 -4.09 -18.78 21.70
C ILE A 418 -5.02 -19.41 20.67
N PHE A 419 -5.98 -18.63 20.20
CA PHE A 419 -6.93 -19.09 19.18
C PHE A 419 -7.72 -20.32 19.62
N GLY A 420 -8.18 -20.30 20.87
CA GLY A 420 -8.96 -21.38 21.42
C GLY A 420 -9.95 -20.81 22.41
N PRO A 421 -10.77 -21.64 23.06
CA PRO A 421 -11.75 -21.14 24.03
C PRO A 421 -11.13 -20.82 25.37
N VAL A 422 -10.22 -19.85 25.38
CA VAL A 422 -9.49 -19.45 26.58
C VAL A 422 -9.55 -17.94 26.80
N LEU A 423 -10.21 -17.54 27.87
CA LEU A 423 -10.36 -16.12 28.20
C LEU A 423 -9.50 -15.74 29.39
N SER A 424 -8.75 -14.64 29.25
CA SER A 424 -7.89 -14.14 30.32
C SER A 424 -8.51 -12.88 30.89
N VAL A 425 -8.80 -12.90 32.19
CA VAL A 425 -9.41 -11.76 32.86
C VAL A 425 -8.37 -10.96 33.63
N ILE A 426 -8.33 -9.67 33.34
CA ILE A 426 -7.38 -8.74 33.93
C ILE A 426 -8.12 -7.67 34.74
N ARG A 427 -7.72 -7.50 36.00
CA ARG A 427 -8.35 -6.52 36.88
C ARG A 427 -7.53 -5.24 36.92
N VAL A 428 -8.17 -4.11 36.60
CA VAL A 428 -7.49 -2.83 36.59
C VAL A 428 -8.23 -1.85 37.51
N LYS A 429 -7.56 -0.75 37.84
CA LYS A 429 -8.14 0.25 38.74
C LYS A 429 -9.27 1.06 38.13
N ASP A 430 -8.98 1.73 37.02
CA ASP A 430 -9.96 2.59 36.37
C ASP A 430 -9.93 2.47 34.86
N PHE A 431 -10.75 3.28 34.20
CA PHE A 431 -10.84 3.25 32.75
C PHE A 431 -9.53 3.62 32.06
N ALA A 432 -8.79 4.57 32.61
CA ALA A 432 -7.51 4.95 32.02
C ALA A 432 -6.57 3.75 32.00
N GLU A 433 -6.52 3.02 33.11
CA GLU A 433 -5.65 1.86 33.17
C GLU A 433 -6.18 0.77 32.25
N ALA A 434 -7.50 0.69 32.10
CA ALA A 434 -8.11 -0.29 31.22
C ALA A 434 -7.62 -0.07 29.78
N LEU A 435 -7.61 1.19 29.34
CA LEU A 435 -7.17 1.51 27.99
C LEU A 435 -5.67 1.23 27.83
N GLU A 436 -4.88 1.52 28.87
CA GLU A 436 -3.45 1.27 28.82
C GLU A 436 -3.20 -0.21 28.62
N VAL A 437 -3.88 -1.04 29.41
CA VAL A 437 -3.72 -2.48 29.31
C VAL A 437 -4.25 -2.97 27.96
N ALA A 438 -5.38 -2.44 27.51
CA ALA A 438 -5.94 -2.85 26.24
C ALA A 438 -4.97 -2.58 25.08
N ASN A 439 -4.30 -1.44 25.11
CA ASN A 439 -3.36 -1.07 24.06
C ASN A 439 -2.00 -1.72 24.14
N ASP A 440 -1.63 -2.20 25.33
CA ASP A 440 -0.32 -2.80 25.52
C ASP A 440 -0.14 -4.25 25.09
N THR A 441 -0.26 -4.48 23.78
CA THR A 441 -0.02 -5.79 23.17
C THR A 441 0.52 -5.44 21.79
N PRO A 442 1.11 -6.41 21.08
CA PRO A 442 1.65 -6.11 19.75
C PRO A 442 0.58 -6.01 18.68
N TYR A 443 -0.65 -6.37 19.05
CA TYR A 443 -1.79 -6.38 18.13
C TYR A 443 -2.71 -5.17 18.20
N GLY A 444 -3.70 -5.14 17.30
CA GLY A 444 -4.65 -4.05 17.26
C GLY A 444 -5.78 -4.32 16.29
N LEU A 445 -6.42 -5.48 16.44
CA LEU A 445 -7.49 -5.86 15.52
C LEU A 445 -8.89 -5.44 15.99
N THR A 446 -9.46 -6.15 16.97
CA THR A 446 -10.76 -5.76 17.49
C THR A 446 -10.69 -5.43 18.96
N GLY A 447 -11.70 -4.72 19.43
CA GLY A 447 -11.77 -4.37 20.83
C GLY A 447 -13.18 -3.94 21.13
N GLY A 448 -13.54 -3.98 22.41
CA GLY A 448 -14.87 -3.56 22.78
C GLY A 448 -14.90 -2.87 24.13
N VAL A 449 -15.97 -2.10 24.35
CA VAL A 449 -16.17 -1.42 25.61
C VAL A 449 -17.63 -1.48 25.99
N TYR A 450 -17.91 -1.97 27.19
CA TYR A 450 -19.28 -1.96 27.71
C TYR A 450 -19.22 -0.88 28.79
N SER A 451 -20.00 0.17 28.57
CA SER A 451 -20.07 1.31 29.48
C SER A 451 -21.26 2.18 29.11
N ARG A 452 -21.84 2.86 30.09
CA ARG A 452 -22.95 3.76 29.83
C ARG A 452 -22.44 5.20 29.87
N LYS A 453 -21.20 5.38 30.30
CA LYS A 453 -20.63 6.72 30.41
C LYS A 453 -20.18 7.22 29.05
N ARG A 454 -20.87 8.23 28.53
CA ARG A 454 -20.55 8.77 27.21
C ARG A 454 -19.09 9.16 27.06
N GLU A 455 -18.54 9.81 28.07
CA GLU A 455 -17.16 10.25 28.03
C GLU A 455 -16.17 9.11 27.89
N HIS A 456 -16.50 7.95 28.46
CA HIS A 456 -15.61 6.80 28.35
C HIS A 456 -15.66 6.22 26.95
N LEU A 457 -16.87 6.15 26.38
CA LEU A 457 -17.02 5.62 25.04
C LEU A 457 -16.31 6.50 24.01
N GLU A 458 -16.52 7.81 24.09
CA GLU A 458 -15.89 8.71 23.14
C GLU A 458 -14.37 8.78 23.33
N TRP A 459 -13.93 8.57 24.57
CA TRP A 459 -12.51 8.53 24.90
C TRP A 459 -11.92 7.31 24.18
N ALA A 460 -12.57 6.17 24.31
CA ALA A 460 -12.13 4.94 23.66
C ALA A 460 -12.16 5.06 22.13
N ARG A 461 -13.15 5.76 21.60
CA ARG A 461 -13.27 5.95 20.16
C ARG A 461 -11.98 6.55 19.63
N ARG A 462 -11.36 7.42 20.42
CA ARG A 462 -10.12 8.09 20.03
C ARG A 462 -8.85 7.33 20.44
N GLU A 463 -8.86 6.74 21.63
CA GLU A 463 -7.66 6.10 22.16
C GLU A 463 -7.50 4.58 22.23
N PHE A 464 -8.57 3.81 22.04
CA PHE A 464 -8.48 2.35 22.05
C PHE A 464 -7.98 2.06 20.64
N HIS A 465 -6.70 1.74 20.51
CA HIS A 465 -6.08 1.55 19.21
C HIS A 465 -6.26 0.20 18.53
N VAL A 466 -7.46 0.00 17.99
CA VAL A 466 -7.80 -1.22 17.26
C VAL A 466 -8.53 -0.78 16.00
N GLY A 467 -8.44 -1.59 14.95
CA GLY A 467 -9.09 -1.25 13.70
C GLY A 467 -10.60 -1.38 13.70
N ASN A 468 -11.13 -2.26 14.56
CA ASN A 468 -12.56 -2.48 14.67
C ASN A 468 -12.94 -2.47 16.13
N LEU A 469 -13.61 -1.39 16.53
CA LEU A 469 -14.01 -1.17 17.91
C LEU A 469 -15.54 -1.21 18.01
N TYR A 470 -16.03 -1.87 19.05
CA TYR A 470 -17.48 -2.01 19.26
C TYR A 470 -17.89 -1.62 20.66
N PHE A 471 -18.96 -0.85 20.78
CA PHE A 471 -19.47 -0.42 22.07
C PHE A 471 -20.80 -1.06 22.42
N ASN A 472 -20.84 -1.67 23.60
CA ASN A 472 -22.03 -2.32 24.13
C ASN A 472 -22.63 -3.42 23.26
N ARG A 473 -21.74 -4.19 22.65
CA ARG A 473 -22.10 -5.32 21.81
C ARG A 473 -20.87 -6.21 21.59
N LYS A 474 -21.10 -7.40 21.05
CA LYS A 474 -20.03 -8.35 20.78
C LYS A 474 -19.00 -7.73 19.84
N ILE A 475 -17.76 -8.21 19.93
CA ILE A 475 -16.68 -7.67 19.09
C ILE A 475 -16.35 -8.55 17.89
N THR A 476 -17.14 -9.60 17.69
CA THR A 476 -16.96 -10.50 16.55
C THR A 476 -18.09 -10.26 15.56
N GLY A 477 -17.98 -10.86 14.39
CA GLY A 477 -19.03 -10.76 13.39
C GLY A 477 -19.13 -9.51 12.56
N ALA A 478 -18.01 -8.88 12.24
CA ALA A 478 -18.02 -7.68 11.41
C ALA A 478 -18.80 -7.94 10.13
N LEU A 479 -19.72 -7.05 9.79
CA LEU A 479 -20.52 -7.21 8.58
C LEU A 479 -19.94 -6.45 7.41
N VAL A 480 -19.87 -7.12 6.27
CA VAL A 480 -19.38 -6.51 5.05
C VAL A 480 -20.14 -5.21 4.77
N GLY A 481 -19.40 -4.16 4.41
CA GLY A 481 -20.01 -2.88 4.12
C GLY A 481 -20.30 -2.01 5.32
N VAL A 482 -20.79 -2.62 6.40
CA VAL A 482 -21.14 -1.91 7.62
C VAL A 482 -19.89 -1.58 8.45
N GLN A 483 -19.05 -2.59 8.63
CA GLN A 483 -17.84 -2.46 9.42
C GLN A 483 -16.58 -2.87 8.67
N PRO A 484 -15.94 -1.93 7.95
CA PRO A 484 -14.71 -2.24 7.21
C PRO A 484 -13.83 -3.01 8.19
N PHE A 485 -13.35 -4.19 7.78
CA PHE A 485 -12.59 -5.04 8.69
C PHE A 485 -11.09 -5.13 8.45
N GLY A 486 -10.32 -4.84 9.49
CA GLY A 486 -8.87 -4.89 9.37
C GLY A 486 -8.25 -4.16 10.53
N GLY A 487 -7.08 -4.62 10.98
CA GLY A 487 -6.44 -4.01 12.13
C GLY A 487 -5.23 -3.13 11.96
N PHE A 488 -4.62 -2.84 13.11
CA PHE A 488 -3.43 -2.02 13.22
C PHE A 488 -2.30 -2.85 13.81
N LYS A 489 -1.11 -2.26 13.84
CA LYS A 489 0.05 -2.90 14.42
C LYS A 489 0.31 -4.28 13.86
N LEU A 490 0.64 -5.25 14.71
CA LEU A 490 0.94 -6.58 14.18
C LEU A 490 -0.29 -7.41 13.82
N SER A 491 -1.44 -6.76 13.73
CA SER A 491 -2.65 -7.42 13.29
C SER A 491 -2.73 -7.31 11.78
N GLY A 492 -1.75 -6.65 11.18
CA GLY A 492 -1.74 -6.57 9.72
C GLY A 492 -1.44 -5.25 9.06
N THR A 493 -1.67 -5.22 7.75
CA THR A 493 -1.44 -4.04 6.93
C THR A 493 -2.65 -3.11 6.78
N ASN A 494 -3.72 -3.39 7.53
CA ASN A 494 -4.93 -2.58 7.51
C ASN A 494 -5.65 -2.58 6.16
N ALA A 495 -5.66 -3.73 5.49
CA ALA A 495 -6.38 -3.85 4.23
C ALA A 495 -7.83 -4.08 4.69
N LYS A 496 -8.64 -3.03 4.63
CA LYS A 496 -10.02 -3.11 5.08
C LYS A 496 -10.95 -3.88 4.15
N THR A 497 -11.30 -5.09 4.55
CA THR A 497 -12.20 -5.90 3.73
C THR A 497 -13.63 -5.39 3.86
N GLY A 498 -14.43 -5.63 2.83
CA GLY A 498 -15.81 -5.20 2.86
C GLY A 498 -15.94 -3.68 2.86
N ALA A 499 -14.99 -3.02 2.20
CA ALA A 499 -14.97 -1.57 2.12
C ALA A 499 -14.51 -1.16 0.73
N LEU A 500 -14.94 0.01 0.30
CA LEU A 500 -14.58 0.52 -1.02
C LEU A 500 -13.06 0.56 -1.21
N ASP A 501 -12.34 0.93 -0.15
CA ASP A 501 -10.88 1.03 -0.20
C ASP A 501 -10.16 -0.27 -0.52
N TYR A 502 -10.80 -1.40 -0.22
CA TYR A 502 -10.16 -2.69 -0.47
C TYR A 502 -9.72 -2.88 -1.91
N LEU A 503 -10.59 -2.53 -2.85
CA LEU A 503 -10.26 -2.75 -4.26
C LEU A 503 -9.11 -1.90 -4.78
N ARG A 504 -8.92 -0.73 -4.21
CA ARG A 504 -7.83 0.15 -4.63
C ARG A 504 -6.47 -0.52 -4.45
N LEU A 505 -6.40 -1.45 -3.50
CA LEU A 505 -5.16 -2.17 -3.21
C LEU A 505 -4.70 -3.04 -4.36
N PHE A 506 -5.64 -3.39 -5.24
CA PHE A 506 -5.32 -4.28 -6.36
C PHE A 506 -5.33 -3.57 -7.70
N LEU A 507 -5.08 -2.27 -7.66
CA LEU A 507 -5.05 -1.44 -8.86
C LEU A 507 -3.87 -0.48 -8.83
N GLU A 508 -3.42 -0.08 -10.01
CA GLU A 508 -2.38 0.93 -10.14
C GLU A 508 -2.99 2.00 -11.04
N MET A 509 -2.45 3.20 -11.00
CA MET A 509 -3.00 4.31 -11.79
C MET A 509 -2.12 4.75 -12.93
N LYS A 510 -2.76 5.06 -14.06
CA LYS A 510 -2.07 5.54 -15.25
C LYS A 510 -2.64 6.92 -15.57
N ALA A 511 -1.77 7.86 -15.94
CA ALA A 511 -2.17 9.22 -16.30
C ALA A 511 -1.74 9.44 -17.74
N VAL A 512 -2.70 9.74 -18.61
CA VAL A 512 -2.41 9.95 -20.02
C VAL A 512 -2.85 11.32 -20.48
N ALA A 513 -1.92 12.07 -21.05
CA ALA A 513 -2.19 13.42 -21.53
C ALA A 513 -2.02 13.53 -23.03
N GLU A 514 -2.94 14.23 -23.68
CA GLU A 514 -2.81 14.47 -25.10
C GLU A 514 -2.90 15.96 -25.34
N ARG A 515 -1.86 16.51 -25.95
CA ARG A 515 -1.83 17.93 -26.28
C ARG A 515 -2.37 18.02 -27.70
N PHE A 516 -3.49 18.71 -27.87
CA PHE A 516 -4.11 18.82 -29.19
C PHE A 516 -3.44 19.78 -30.16
N MET B 1 -13.05 24.19 0.43
CA MET B 1 -14.27 25.00 0.16
C MET B 1 -14.19 26.37 0.83
N THR B 2 -13.10 26.62 1.54
CA THR B 2 -12.94 27.92 2.19
C THR B 2 -11.83 28.72 1.50
N VAL B 3 -11.25 28.13 0.46
CA VAL B 3 -10.20 28.79 -0.32
C VAL B 3 -10.56 28.64 -1.80
N GLU B 4 -9.90 29.43 -2.65
CA GLU B 4 -10.12 29.37 -4.08
C GLU B 4 -9.79 27.98 -4.62
N PRO B 5 -10.41 27.58 -5.74
CA PRO B 5 -10.10 26.26 -6.28
C PRO B 5 -8.62 26.21 -6.64
N PHE B 6 -8.03 25.04 -6.52
CA PHE B 6 -6.61 24.87 -6.83
C PHE B 6 -6.28 25.26 -8.26
N ARG B 7 -5.15 25.94 -8.41
CA ARG B 7 -4.63 26.35 -9.71
C ARG B 7 -3.12 26.17 -9.60
N ASN B 8 -2.48 25.75 -10.68
CA ASN B 8 -1.03 25.57 -10.64
C ASN B 8 -0.32 26.92 -10.64
N GLU B 9 0.76 26.99 -9.87
CA GLU B 9 1.56 28.20 -9.77
C GLU B 9 2.21 28.44 -11.14
N PRO B 10 2.06 29.63 -11.71
CA PRO B 10 2.67 29.87 -13.02
C PRO B 10 4.18 29.75 -13.00
N ILE B 11 4.74 29.17 -14.05
CA ILE B 11 6.18 29.01 -14.18
C ILE B 11 6.73 30.25 -14.87
N GLU B 12 7.64 30.95 -14.20
CA GLU B 12 8.23 32.17 -14.76
C GLU B 12 9.07 31.88 -16.01
N THR B 13 8.87 32.70 -17.04
CA THR B 13 9.61 32.56 -18.29
C THR B 13 10.71 33.61 -18.42
N PHE B 14 10.67 34.62 -17.56
CA PHE B 14 11.65 35.69 -17.56
C PHE B 14 11.71 36.43 -18.89
N GLN B 15 10.54 36.69 -19.47
CA GLN B 15 10.46 37.39 -20.74
C GLN B 15 10.35 38.89 -20.52
N THR B 16 10.03 39.29 -19.30
CA THR B 16 9.90 40.70 -18.96
C THR B 16 11.17 41.22 -18.27
N GLU B 17 11.37 42.52 -18.32
CA GLU B 17 12.54 43.14 -17.71
C GLU B 17 12.48 43.00 -16.19
N GLU B 18 11.28 43.16 -15.64
CA GLU B 18 11.11 43.04 -14.19
C GLU B 18 11.49 41.66 -13.68
N ALA B 19 11.11 40.63 -14.41
CA ALA B 19 11.41 39.25 -14.02
C ALA B 19 12.91 39.02 -14.03
N ARG B 20 13.58 39.50 -15.09
CA ARG B 20 15.02 39.34 -15.19
C ARG B 20 15.73 40.12 -14.10
N ARG B 21 15.25 41.32 -13.83
CA ARG B 21 15.83 42.16 -12.78
C ARG B 21 15.69 41.46 -11.43
N ALA B 22 14.49 40.95 -11.16
CA ALA B 22 14.21 40.25 -9.90
C ALA B 22 15.12 39.04 -9.73
N MET B 23 15.37 38.32 -10.82
CA MET B 23 16.23 37.15 -10.75
C MET B 23 17.68 37.55 -10.49
N ARG B 24 18.16 38.59 -11.18
CA ARG B 24 19.53 39.03 -10.96
C ARG B 24 19.71 39.43 -9.51
N GLU B 25 18.70 40.10 -8.94
CA GLU B 25 18.75 40.52 -7.55
C GLU B 25 18.82 39.32 -6.61
N ALA B 26 18.02 38.29 -6.92
CA ALA B 26 17.99 37.09 -6.11
C ALA B 26 19.32 36.34 -6.19
N LEU B 27 19.88 36.26 -7.39
CA LEU B 27 21.17 35.59 -7.57
C LEU B 27 22.25 36.29 -6.76
N ARG B 28 22.22 37.61 -6.75
CA ARG B 28 23.21 38.37 -6.00
C ARG B 28 23.07 38.11 -4.50
N ARG B 29 21.84 38.17 -4.01
CA ARG B 29 21.56 37.94 -2.60
C ARG B 29 22.03 36.55 -2.18
N VAL B 30 21.72 35.55 -3.00
CA VAL B 30 22.10 34.18 -2.68
C VAL B 30 23.61 33.97 -2.64
N ARG B 31 24.34 34.48 -3.64
CA ARG B 31 25.77 34.28 -3.65
C ARG B 31 26.48 35.06 -2.54
N GLU B 32 25.87 36.17 -2.10
CA GLU B 32 26.45 36.96 -1.04
C GLU B 32 26.36 36.14 0.26
N GLU B 33 25.47 35.16 0.27
CA GLU B 33 25.27 34.31 1.44
C GLU B 33 25.92 32.93 1.31
N PHE B 34 26.79 32.75 0.34
CA PHE B 34 27.46 31.47 0.15
C PHE B 34 28.21 30.98 1.39
N GLY B 35 28.61 31.90 2.27
CA GLY B 35 29.33 31.50 3.47
C GLY B 35 28.48 31.02 4.62
N ARG B 36 27.16 31.02 4.44
CA ARG B 36 26.24 30.59 5.50
C ARG B 36 26.33 29.12 5.88
N HIS B 37 26.08 28.86 7.17
CA HIS B 37 26.07 27.51 7.71
C HIS B 37 24.65 27.26 8.21
N TYR B 38 24.07 26.13 7.81
CA TYR B 38 22.71 25.79 8.21
C TYR B 38 22.71 24.57 9.11
N PRO B 39 22.21 24.72 10.35
CA PRO B 39 22.17 23.59 11.29
C PRO B 39 21.06 22.62 10.96
N LEU B 40 20.93 21.60 11.79
CA LEU B 40 19.85 20.63 11.65
C LEU B 40 18.65 21.34 12.26
N TYR B 41 17.45 20.82 12.00
CA TYR B 41 16.26 21.40 12.60
C TYR B 41 15.55 20.24 13.29
N ILE B 42 15.57 20.25 14.61
CA ILE B 42 14.98 19.19 15.40
C ILE B 42 14.14 19.75 16.54
N GLY B 43 12.91 19.26 16.67
CA GLY B 43 12.06 19.72 17.75
C GLY B 43 11.82 21.22 17.80
N GLY B 44 11.63 21.83 16.63
CA GLY B 44 11.34 23.26 16.58
C GLY B 44 12.51 24.21 16.73
N GLU B 45 13.73 23.68 16.75
CA GLU B 45 14.89 24.54 16.88
C GLU B 45 16.04 24.10 16.00
N TRP B 46 16.89 25.06 15.64
CA TRP B 46 18.07 24.75 14.84
C TRP B 46 19.13 24.25 15.81
N VAL B 47 19.64 23.05 15.52
CA VAL B 47 20.66 22.41 16.34
C VAL B 47 21.89 22.11 15.48
N ASP B 48 23.04 22.60 15.92
CA ASP B 48 24.28 22.39 15.18
C ASP B 48 25.01 21.12 15.62
N THR B 49 25.99 20.72 14.81
CA THR B 49 26.78 19.53 15.10
C THR B 49 28.25 19.84 14.88
N LYS B 50 29.12 18.94 15.33
CA LYS B 50 30.56 19.11 15.19
C LYS B 50 30.96 18.99 13.72
N GLU B 51 30.57 17.89 13.10
CA GLU B 51 30.90 17.66 11.70
C GLU B 51 29.93 18.43 10.80
N ARG B 52 30.31 18.59 9.53
CA ARG B 52 29.48 19.32 8.61
C ARG B 52 29.44 18.71 7.22
N MET B 53 28.56 19.25 6.39
CA MET B 53 28.40 18.81 5.01
C MET B 53 28.67 20.04 4.15
N VAL B 54 29.46 19.86 3.11
CA VAL B 54 29.78 20.97 2.22
C VAL B 54 29.04 20.83 0.90
N SER B 55 28.49 21.94 0.43
CA SER B 55 27.76 21.95 -0.84
C SER B 55 28.52 22.82 -1.83
N LEU B 56 28.82 22.25 -2.99
CA LEU B 56 29.57 22.96 -4.03
C LEU B 56 28.72 23.40 -5.20
N ASN B 57 29.20 24.41 -5.91
CA ASN B 57 28.53 24.95 -7.10
C ASN B 57 28.96 24.06 -8.27
N PRO B 58 28.05 23.27 -8.84
CA PRO B 58 28.45 22.40 -9.95
C PRO B 58 28.96 23.13 -11.20
N SER B 59 28.67 24.43 -11.29
CA SER B 59 29.13 25.23 -12.42
C SER B 59 30.54 25.78 -12.14
N ALA B 60 30.98 25.66 -10.90
CA ALA B 60 32.31 26.12 -10.46
C ALA B 60 32.54 25.44 -9.11
N PRO B 61 32.85 24.13 -9.12
CA PRO B 61 33.08 23.34 -7.91
C PRO B 61 34.09 23.81 -6.87
N SER B 62 34.95 24.76 -7.22
CA SER B 62 35.90 25.27 -6.24
C SER B 62 35.19 26.28 -5.36
N GLU B 63 33.95 26.62 -5.73
CA GLU B 63 33.16 27.57 -4.98
C GLU B 63 32.12 26.89 -4.09
N VAL B 64 32.19 27.16 -2.80
CA VAL B 64 31.26 26.59 -1.83
C VAL B 64 30.02 27.47 -1.77
N VAL B 65 28.84 26.84 -1.87
CA VAL B 65 27.59 27.60 -1.83
C VAL B 65 26.97 27.59 -0.43
N GLY B 66 27.54 26.78 0.45
CA GLY B 66 27.05 26.70 1.81
C GLY B 66 27.44 25.42 2.51
N THR B 67 27.24 25.38 3.82
CA THR B 67 27.55 24.18 4.60
C THR B 67 26.40 23.95 5.56
N THR B 68 26.20 22.71 5.97
CA THR B 68 25.14 22.37 6.91
C THR B 68 25.70 21.44 7.96
N ALA B 69 24.93 21.25 9.03
CA ALA B 69 25.32 20.33 10.08
C ALA B 69 25.21 18.93 9.48
N LYS B 70 25.75 17.94 10.17
CA LYS B 70 25.71 16.56 9.69
C LYS B 70 25.09 15.67 10.75
N ALA B 71 23.96 15.07 10.42
CA ALA B 71 23.24 14.21 11.35
C ALA B 71 23.77 12.79 11.41
N GLY B 72 23.95 12.31 12.63
CA GLY B 72 24.42 10.95 12.87
C GLY B 72 23.32 10.20 13.60
N LYS B 73 23.63 9.02 14.11
CA LYS B 73 22.64 8.22 14.83
C LYS B 73 22.03 8.95 16.02
N ALA B 74 22.88 9.67 16.77
CA ALA B 74 22.41 10.41 17.93
C ALA B 74 21.35 11.44 17.55
N GLU B 75 21.61 12.16 16.46
CA GLU B 75 20.67 13.18 16.01
C GLU B 75 19.41 12.53 15.46
N ALA B 76 19.56 11.38 14.82
CA ALA B 76 18.40 10.65 14.28
C ALA B 76 17.51 10.24 15.45
N GLU B 77 18.12 9.79 16.54
CA GLU B 77 17.36 9.39 17.73
C GLU B 77 16.63 10.59 18.33
N ALA B 78 17.30 11.74 18.38
CA ALA B 78 16.70 12.94 18.94
C ALA B 78 15.52 13.37 18.08
N ALA B 79 15.67 13.25 16.76
CA ALA B 79 14.61 13.60 15.83
C ALA B 79 13.42 12.65 16.01
N LEU B 80 13.71 11.37 16.22
CA LEU B 80 12.66 10.38 16.42
C LEU B 80 11.84 10.70 17.66
N GLU B 81 12.53 11.03 18.75
CA GLU B 81 11.88 11.36 20.01
C GLU B 81 10.96 12.57 19.80
N ALA B 82 11.49 13.59 19.13
CA ALA B 82 10.73 14.80 18.88
C ALA B 82 9.52 14.53 17.98
N ALA B 83 9.71 13.74 16.94
CA ALA B 83 8.64 13.42 16.00
C ALA B 83 7.51 12.64 16.65
N TRP B 84 7.84 11.67 17.50
CA TRP B 84 6.80 10.90 18.16
C TRP B 84 6.09 11.72 19.22
N LYS B 85 6.83 12.56 19.93
CA LYS B 85 6.21 13.40 20.95
C LYS B 85 5.22 14.34 20.27
N ALA B 86 5.64 14.93 19.15
CA ALA B 86 4.79 15.85 18.42
C ALA B 86 3.56 15.15 17.84
N PHE B 87 3.74 13.93 17.34
CA PHE B 87 2.65 13.17 16.76
C PHE B 87 1.47 13.03 17.73
N LYS B 88 1.78 12.83 19.01
CA LYS B 88 0.74 12.65 20.02
C LYS B 88 -0.33 13.73 19.98
N THR B 89 0.06 14.97 19.71
CA THR B 89 -0.90 16.05 19.65
C THR B 89 -1.23 16.51 18.23
N TRP B 90 -0.25 16.45 17.33
CA TRP B 90 -0.46 16.87 15.95
C TRP B 90 -1.55 16.03 15.28
N LYS B 91 -1.62 14.75 15.64
CA LYS B 91 -2.63 13.87 15.07
C LYS B 91 -4.04 14.29 15.45
N ASP B 92 -4.17 15.03 16.54
CA ASP B 92 -5.50 15.46 17.00
C ASP B 92 -5.92 16.85 16.54
N TRP B 93 -5.05 17.53 15.79
CA TRP B 93 -5.41 18.85 15.27
C TRP B 93 -6.56 18.68 14.28
N PRO B 94 -7.50 19.62 14.26
CA PRO B 94 -8.61 19.50 13.30
C PRO B 94 -7.93 19.59 11.93
N GLN B 95 -8.44 18.87 10.94
CA GLN B 95 -7.83 18.93 9.63
C GLN B 95 -7.80 20.34 9.08
N GLU B 96 -8.84 21.12 9.37
CA GLU B 96 -8.89 22.50 8.88
C GLU B 96 -7.70 23.30 9.36
N ASP B 97 -7.26 23.04 10.59
CA ASP B 97 -6.12 23.74 11.18
C ASP B 97 -4.81 23.32 10.53
N ARG B 98 -4.65 22.03 10.27
CA ARG B 98 -3.44 21.54 9.63
C ARG B 98 -3.35 22.07 8.19
N SER B 99 -4.50 22.08 7.50
CA SER B 99 -4.51 22.57 6.12
C SER B 99 -4.18 24.07 6.06
N ARG B 100 -4.67 24.84 7.02
CA ARG B 100 -4.35 26.27 7.04
C ARG B 100 -2.86 26.47 7.26
N LEU B 101 -2.23 25.59 8.05
CA LEU B 101 -0.80 25.72 8.29
C LEU B 101 -0.06 25.52 6.97
N LEU B 102 -0.49 24.54 6.18
CA LEU B 102 0.14 24.30 4.89
C LEU B 102 -0.03 25.51 3.99
N LEU B 103 -1.24 26.05 3.94
CA LEU B 103 -1.50 27.22 3.10
C LEU B 103 -0.60 28.40 3.49
N LYS B 104 -0.33 28.54 4.78
CA LYS B 104 0.55 29.60 5.24
C LYS B 104 1.96 29.34 4.68
N ALA B 105 2.41 28.09 4.77
CA ALA B 105 3.73 27.73 4.26
C ALA B 105 3.83 28.00 2.76
N ALA B 106 2.76 27.72 2.02
CA ALA B 106 2.76 27.96 0.58
C ALA B 106 2.88 29.45 0.29
N ALA B 107 2.19 30.27 1.08
CA ALA B 107 2.23 31.72 0.90
C ALA B 107 3.64 32.24 1.17
N LEU B 108 4.29 31.70 2.20
CA LEU B 108 5.64 32.11 2.53
C LEU B 108 6.62 31.67 1.45
N MET B 109 6.43 30.47 0.91
CA MET B 109 7.33 29.97 -0.12
C MET B 109 7.17 30.82 -1.38
N ARG B 110 5.93 31.18 -1.71
CA ARG B 110 5.67 31.98 -2.90
C ARG B 110 6.37 33.34 -2.80
N ARG B 111 6.42 33.90 -1.60
CA ARG B 111 7.07 35.20 -1.40
C ARG B 111 8.59 35.12 -1.47
N ARG B 112 9.13 33.91 -1.40
CA ARG B 112 10.58 33.72 -1.46
C ARG B 112 10.96 32.88 -2.66
N LYS B 113 10.11 32.83 -3.68
CA LYS B 113 10.45 31.97 -4.80
C LYS B 113 11.68 32.35 -5.61
N ARG B 114 11.97 33.64 -5.78
CA ARG B 114 13.15 34.03 -6.53
C ARG B 114 14.42 33.56 -5.78
N GLU B 115 14.40 33.70 -4.46
CA GLU B 115 15.52 33.28 -3.62
C GLU B 115 15.74 31.77 -3.77
N LEU B 116 14.65 31.00 -3.70
CA LEU B 116 14.76 29.56 -3.83
C LEU B 116 15.24 29.16 -5.22
N GLU B 117 14.73 29.84 -6.25
CA GLU B 117 15.15 29.54 -7.62
C GLU B 117 16.65 29.80 -7.78
N ALA B 118 17.10 30.95 -7.27
CA ALA B 118 18.51 31.30 -7.36
C ALA B 118 19.36 30.28 -6.62
N THR B 119 18.85 29.75 -5.51
CA THR B 119 19.60 28.77 -4.76
C THR B 119 19.72 27.49 -5.59
N LEU B 120 18.66 27.13 -6.31
CA LEU B 120 18.70 25.93 -7.16
C LEU B 120 19.71 26.13 -8.28
N VAL B 121 19.75 27.33 -8.85
CA VAL B 121 20.67 27.63 -9.93
C VAL B 121 22.11 27.37 -9.48
N TYR B 122 22.48 27.93 -8.33
CA TYR B 122 23.82 27.78 -7.81
C TYR B 122 24.16 26.44 -7.16
N GLU B 123 23.20 25.83 -6.47
CA GLU B 123 23.49 24.56 -5.79
C GLU B 123 23.40 23.31 -6.64
N VAL B 124 22.42 23.23 -7.54
CA VAL B 124 22.29 22.04 -8.37
C VAL B 124 22.38 22.27 -9.86
N GLY B 125 22.77 23.48 -10.25
CA GLY B 125 22.96 23.78 -11.66
C GLY B 125 21.78 23.80 -12.59
N LYS B 126 20.63 24.25 -12.10
CA LYS B 126 19.44 24.35 -12.95
C LYS B 126 19.47 25.70 -13.63
N ASN B 127 19.01 25.77 -14.87
CA ASN B 127 18.96 27.08 -15.51
C ASN B 127 17.73 27.78 -14.93
N TRP B 128 17.48 29.00 -15.38
CA TRP B 128 16.39 29.79 -14.83
C TRP B 128 14.99 29.20 -14.85
N VAL B 129 14.54 28.72 -16.00
CA VAL B 129 13.20 28.16 -16.08
C VAL B 129 13.08 26.82 -15.37
N GLU B 130 14.14 26.01 -15.40
CA GLU B 130 14.09 24.73 -14.69
C GLU B 130 13.96 25.02 -13.19
N ALA B 131 14.66 26.05 -12.71
CA ALA B 131 14.60 26.41 -11.31
C ALA B 131 13.20 26.90 -10.95
N SER B 132 12.62 27.74 -11.80
CA SER B 132 11.29 28.27 -11.54
C SER B 132 10.25 27.16 -11.53
N ALA B 133 10.38 26.19 -12.43
CA ALA B 133 9.43 25.08 -12.50
C ALA B 133 9.48 24.24 -11.22
N ASP B 134 10.69 24.06 -10.70
CA ASP B 134 10.91 23.28 -9.48
C ASP B 134 10.18 23.93 -8.30
N VAL B 135 10.46 25.21 -8.07
CA VAL B 135 9.82 25.92 -6.97
C VAL B 135 8.31 26.01 -7.14
N ALA B 136 7.85 26.22 -8.37
CA ALA B 136 6.41 26.31 -8.62
C ALA B 136 5.74 24.98 -8.27
N GLU B 137 6.39 23.86 -8.58
CA GLU B 137 5.84 22.55 -8.27
C GLU B 137 5.76 22.35 -6.76
N ALA B 138 6.75 22.83 -6.02
CA ALA B 138 6.76 22.71 -4.58
C ALA B 138 5.54 23.45 -4.00
N ILE B 139 5.33 24.68 -4.47
CA ILE B 139 4.20 25.47 -4.03
C ILE B 139 2.92 24.71 -4.35
N ASP B 140 2.87 24.11 -5.54
CA ASP B 140 1.70 23.34 -5.97
C ASP B 140 1.41 22.18 -5.03
N PHE B 141 2.44 21.45 -4.62
CA PHE B 141 2.24 20.32 -3.71
C PHE B 141 1.60 20.78 -2.41
N ILE B 142 2.09 21.88 -1.85
CA ILE B 142 1.55 22.40 -0.61
C ILE B 142 0.08 22.81 -0.79
N GLU B 143 -0.20 23.57 -1.84
CA GLU B 143 -1.57 24.03 -2.12
C GLU B 143 -2.51 22.87 -2.39
N TYR B 144 -2.04 21.89 -3.16
CA TYR B 144 -2.86 20.74 -3.52
C TYR B 144 -3.14 19.82 -2.32
N TYR B 145 -2.09 19.45 -1.60
CA TYR B 145 -2.28 18.56 -0.46
C TYR B 145 -3.08 19.21 0.66
N ALA B 146 -2.97 20.53 0.82
CA ALA B 146 -3.74 21.21 1.86
C ALA B 146 -5.23 20.99 1.59
N ARG B 147 -5.62 21.11 0.32
CA ARG B 147 -7.01 20.93 -0.07
C ARG B 147 -7.41 19.44 -0.09
N ALA B 148 -6.56 18.59 -0.65
CA ALA B 148 -6.86 17.18 -0.75
C ALA B 148 -7.06 16.55 0.63
N ALA B 149 -6.29 17.02 1.62
CA ALA B 149 -6.39 16.47 2.97
C ALA B 149 -7.78 16.62 3.57
N LEU B 150 -8.48 17.68 3.19
CA LEU B 150 -9.82 17.91 3.73
C LEU B 150 -10.82 16.86 3.24
N ARG B 151 -10.50 16.20 2.13
CA ARG B 151 -11.38 15.17 1.60
C ARG B 151 -11.37 13.92 2.47
N TYR B 152 -10.41 13.83 3.38
CA TYR B 152 -10.29 12.66 4.28
C TYR B 152 -10.70 12.98 5.71
N ARG B 153 -11.21 14.19 5.95
CA ARG B 153 -11.55 14.59 7.31
C ARG B 153 -12.64 13.76 8.00
N TYR B 154 -12.55 13.72 9.32
CA TYR B 154 -13.47 12.96 10.17
C TYR B 154 -14.95 13.30 10.01
N PRO B 155 -15.80 12.32 9.69
CA PRO B 155 -15.57 10.88 9.42
C PRO B 155 -15.82 10.75 7.91
N ALA B 156 -14.79 10.36 7.17
CA ALA B 156 -14.89 10.32 5.71
C ALA B 156 -15.30 9.04 4.98
N VAL B 157 -15.39 7.91 5.69
CA VAL B 157 -15.70 6.66 5.00
C VAL B 157 -17.18 6.36 4.77
N GLU B 158 -17.50 5.98 3.54
CA GLU B 158 -18.85 5.63 3.15
C GLU B 158 -19.15 4.18 3.58
N VAL B 159 -20.07 4.01 4.52
CA VAL B 159 -20.41 2.68 5.00
C VAL B 159 -21.90 2.38 4.89
N VAL B 160 -22.23 1.11 5.03
CA VAL B 160 -23.61 0.64 4.97
C VAL B 160 -24.19 0.69 6.38
N PRO B 161 -25.36 1.32 6.56
CA PRO B 161 -25.94 1.40 7.90
C PRO B 161 -26.51 0.07 8.39
N TYR B 162 -26.71 -0.02 9.70
CA TYR B 162 -27.25 -1.23 10.32
C TYR B 162 -28.25 -0.80 11.38
N PRO B 163 -29.39 -1.49 11.50
CA PRO B 163 -30.42 -1.14 12.49
C PRO B 163 -29.94 -1.09 13.94
N GLY B 164 -30.38 -0.05 14.65
CA GLY B 164 -30.05 0.13 16.06
C GLY B 164 -28.61 0.40 16.40
N GLU B 165 -27.81 0.76 15.40
CA GLU B 165 -26.39 1.02 15.60
C GLU B 165 -25.88 2.24 14.85
N ASP B 166 -24.81 2.82 15.39
CA ASP B 166 -24.13 3.90 14.70
C ASP B 166 -22.83 3.21 14.26
N ASN B 167 -22.52 3.30 12.98
CA ASN B 167 -21.31 2.71 12.43
C ASN B 167 -20.54 3.80 11.75
N GLU B 168 -19.40 4.13 12.33
CA GLU B 168 -18.57 5.23 11.85
C GLU B 168 -17.15 4.80 11.54
N SER B 169 -16.73 4.99 10.29
CA SER B 169 -15.37 4.66 9.89
C SER B 169 -14.66 5.96 9.54
N PHE B 170 -13.41 6.08 9.95
CA PHE B 170 -12.65 7.29 9.71
C PHE B 170 -11.16 7.00 9.61
N TYR B 171 -10.43 7.95 9.06
CA TYR B 171 -8.99 7.81 8.90
C TYR B 171 -8.21 8.43 10.03
N VAL B 172 -7.07 7.83 10.32
CA VAL B 172 -6.16 8.33 11.35
C VAL B 172 -4.76 8.21 10.77
N PRO B 173 -3.87 9.14 11.11
CA PRO B 173 -2.50 9.11 10.61
C PRO B 173 -1.71 7.95 11.21
N LEU B 174 -0.60 7.61 10.56
CA LEU B 174 0.23 6.50 11.00
C LEU B 174 1.19 6.77 12.15
N GLY B 175 1.90 7.89 12.09
CA GLY B 175 2.85 8.20 13.14
C GLY B 175 4.02 8.99 12.61
N ALA B 176 5.21 8.70 13.11
CA ALA B 176 6.43 9.36 12.67
C ALA B 176 7.13 8.53 11.61
N GLY B 177 7.49 9.17 10.51
CA GLY B 177 8.16 8.46 9.43
C GLY B 177 9.35 9.23 8.91
N VAL B 178 10.08 8.63 7.99
CA VAL B 178 11.24 9.28 7.40
C VAL B 178 11.05 9.52 5.91
N VAL B 179 11.51 10.69 5.46
CA VAL B 179 11.44 11.09 4.06
C VAL B 179 12.89 11.16 3.60
N ILE B 180 13.20 10.43 2.52
CA ILE B 180 14.54 10.40 1.96
C ILE B 180 14.38 10.90 0.53
N ALA B 181 14.94 12.07 0.26
CA ALA B 181 14.79 12.73 -1.03
C ALA B 181 16.00 12.80 -1.95
N PRO B 182 15.74 13.06 -3.24
CA PRO B 182 16.77 13.17 -4.27
C PRO B 182 17.27 14.60 -4.44
N TRP B 183 18.36 14.77 -5.18
CA TRP B 183 18.93 16.09 -5.40
C TRP B 183 18.45 16.77 -6.67
N ASN B 184 17.78 16.05 -7.57
CA ASN B 184 17.36 16.66 -8.82
C ASN B 184 16.19 17.64 -8.74
N PHE B 185 15.28 17.42 -7.81
CA PHE B 185 14.15 18.34 -7.58
C PHE B 185 14.11 18.48 -6.07
N PRO B 186 15.16 19.10 -5.50
CA PRO B 186 15.35 19.34 -4.07
C PRO B 186 14.43 20.31 -3.36
N VAL B 187 13.56 20.98 -4.12
CA VAL B 187 12.59 21.85 -3.48
C VAL B 187 11.24 21.15 -3.67
N ALA B 188 10.86 20.89 -4.91
CA ALA B 188 9.58 20.24 -5.22
C ALA B 188 9.34 18.87 -4.58
N ILE B 189 10.20 17.90 -4.89
CA ILE B 189 9.99 16.55 -4.35
C ILE B 189 10.22 16.49 -2.85
N PHE B 190 11.22 17.22 -2.38
CA PHE B 190 11.53 17.27 -0.95
C PHE B 190 10.29 17.78 -0.22
N THR B 191 9.73 18.88 -0.71
CA THR B 191 8.55 19.49 -0.09
C THR B 191 7.32 18.58 -0.16
N GLY B 192 7.03 18.05 -1.35
CA GLY B 192 5.87 17.18 -1.50
C GLY B 192 5.87 15.96 -0.61
N MET B 193 7.01 15.27 -0.55
CA MET B 193 7.12 14.07 0.26
C MET B 193 6.97 14.34 1.75
N ILE B 194 7.25 15.56 2.17
CA ILE B 194 7.13 15.94 3.57
C ILE B 194 5.71 16.41 3.91
N VAL B 195 5.22 17.38 3.17
CA VAL B 195 3.92 17.95 3.49
C VAL B 195 2.70 17.07 3.25
N GLY B 196 2.80 16.10 2.34
CA GLY B 196 1.68 15.21 2.10
C GLY B 196 1.38 14.43 3.38
N PRO B 197 2.36 13.68 3.92
CA PRO B 197 2.14 12.92 5.15
C PRO B 197 1.79 13.83 6.33
N VAL B 198 2.49 14.96 6.44
CA VAL B 198 2.25 15.90 7.53
C VAL B 198 0.85 16.49 7.52
N ALA B 199 0.34 16.78 6.32
CA ALA B 199 -0.99 17.38 6.19
C ALA B 199 -2.09 16.59 6.88
N VAL B 200 -2.01 15.27 6.81
CA VAL B 200 -3.04 14.43 7.41
C VAL B 200 -2.76 13.96 8.83
N GLY B 201 -1.74 14.52 9.46
CA GLY B 201 -1.47 14.18 10.84
C GLY B 201 -0.22 13.39 11.21
N ASN B 202 0.61 13.06 10.23
CA ASN B 202 1.84 12.34 10.51
C ASN B 202 2.93 13.37 10.82
N THR B 203 4.05 12.88 11.34
CA THR B 203 5.19 13.75 11.60
C THR B 203 6.33 13.15 10.79
N VAL B 204 7.28 13.98 10.40
CA VAL B 204 8.36 13.56 9.52
C VAL B 204 9.77 13.97 9.89
N ILE B 205 10.70 13.09 9.57
CA ILE B 205 12.13 13.33 9.72
C ILE B 205 12.58 13.33 8.26
N ALA B 206 13.04 14.47 7.78
CA ALA B 206 13.46 14.62 6.39
C ALA B 206 14.96 14.57 6.19
N LYS B 207 15.39 13.70 5.29
CA LYS B 207 16.79 13.52 4.97
C LYS B 207 17.05 13.98 3.53
N PRO B 208 17.52 15.23 3.36
CA PRO B 208 17.79 15.74 2.02
C PRO B 208 19.00 15.06 1.38
N ALA B 209 19.04 15.09 0.05
CA ALA B 209 20.16 14.50 -0.66
C ALA B 209 21.40 15.34 -0.35
N GLU B 210 22.55 14.69 -0.24
CA GLU B 210 23.81 15.37 0.05
C GLU B 210 24.10 16.57 -0.86
N ASP B 211 23.79 16.43 -2.14
CA ASP B 211 24.03 17.49 -3.12
C ASP B 211 23.09 18.69 -3.07
N ALA B 212 22.06 18.62 -2.23
CA ALA B 212 21.10 19.73 -2.14
C ALA B 212 20.70 20.06 -0.72
N VAL B 213 21.65 19.98 0.20
CA VAL B 213 21.38 20.26 1.61
C VAL B 213 21.07 21.72 1.92
N VAL B 214 21.66 22.65 1.16
CA VAL B 214 21.41 24.07 1.41
C VAL B 214 19.99 24.49 1.06
N VAL B 215 19.51 24.11 -0.12
CA VAL B 215 18.16 24.51 -0.47
C VAL B 215 17.15 23.79 0.43
N GLY B 216 17.49 22.59 0.89
CA GLY B 216 16.61 21.88 1.79
C GLY B 216 16.48 22.66 3.09
N ALA B 217 17.60 23.25 3.53
CA ALA B 217 17.59 24.03 4.75
C ALA B 217 16.70 25.27 4.58
N LYS B 218 16.75 25.88 3.40
CA LYS B 218 15.93 27.06 3.15
C LYS B 218 14.45 26.71 3.17
N VAL B 219 14.11 25.50 2.72
CA VAL B 219 12.71 25.08 2.77
C VAL B 219 12.31 24.98 4.24
N PHE B 220 13.21 24.49 5.08
CA PHE B 220 12.88 24.39 6.51
C PHE B 220 12.77 25.75 7.18
N GLU B 221 13.45 26.76 6.64
CA GLU B 221 13.32 28.11 7.22
C GLU B 221 11.85 28.52 7.04
N ILE B 222 11.28 28.13 5.90
CA ILE B 222 9.89 28.44 5.60
C ILE B 222 8.97 27.66 6.57
N PHE B 223 9.25 26.38 6.78
CA PHE B 223 8.42 25.59 7.69
C PHE B 223 8.47 26.19 9.08
N HIS B 224 9.65 26.64 9.49
CA HIS B 224 9.81 27.25 10.80
C HIS B 224 8.99 28.53 10.93
N GLU B 225 9.10 29.42 9.93
CA GLU B 225 8.36 30.66 10.00
C GLU B 225 6.85 30.42 9.94
N ALA B 226 6.43 29.37 9.23
CA ALA B 226 5.02 29.04 9.11
C ALA B 226 4.45 28.66 10.46
N GLY B 227 5.28 28.08 11.31
CA GLY B 227 4.83 27.72 12.65
C GLY B 227 4.44 26.28 12.91
N PHE B 228 5.01 25.34 12.17
CA PHE B 228 4.70 23.94 12.44
C PHE B 228 5.14 23.67 13.88
N PRO B 229 4.30 22.99 14.67
CA PRO B 229 4.67 22.69 16.06
C PRO B 229 5.99 21.95 16.15
N PRO B 230 6.74 22.12 17.26
CA PRO B 230 8.02 21.44 17.42
C PRO B 230 7.91 19.94 17.21
N GLY B 231 8.81 19.39 16.40
CA GLY B 231 8.80 17.96 16.14
C GLY B 231 7.98 17.47 14.97
N VAL B 232 7.05 18.27 14.47
CA VAL B 232 6.23 17.85 13.34
C VAL B 232 7.07 17.61 12.09
N VAL B 233 8.02 18.49 11.83
CA VAL B 233 8.94 18.34 10.70
C VAL B 233 10.36 18.54 11.22
N ASN B 234 11.26 17.66 10.81
CA ASN B 234 12.65 17.71 11.25
C ASN B 234 13.57 17.59 10.05
N PHE B 235 14.66 18.34 10.09
CA PHE B 235 15.64 18.41 9.01
C PHE B 235 16.95 17.74 9.40
N LEU B 236 17.26 16.62 8.76
CA LEU B 236 18.47 15.87 9.07
C LEU B 236 19.41 15.61 7.90
N PRO B 237 20.12 16.64 7.44
CA PRO B 237 21.06 16.44 6.34
C PRO B 237 22.13 15.47 6.83
N GLY B 238 22.55 14.56 5.97
CA GLY B 238 23.56 13.59 6.34
C GLY B 238 23.75 12.58 5.24
N VAL B 239 24.61 11.59 5.49
CA VAL B 239 24.91 10.56 4.51
C VAL B 239 23.81 9.51 4.44
N GLY B 240 23.33 9.27 3.23
CA GLY B 240 22.26 8.30 3.03
C GLY B 240 22.49 6.93 3.64
N GLU B 241 23.63 6.33 3.35
CA GLU B 241 23.95 5.00 3.87
C GLU B 241 24.18 4.99 5.37
N GLU B 242 24.25 6.17 5.98
CA GLU B 242 24.45 6.27 7.42
C GLU B 242 23.14 6.58 8.13
N VAL B 243 22.80 7.85 8.22
CA VAL B 243 21.57 8.24 8.91
C VAL B 243 20.31 7.79 8.18
N GLY B 244 20.35 7.77 6.85
CA GLY B 244 19.19 7.33 6.08
C GLY B 244 18.86 5.88 6.35
N ALA B 245 19.86 5.01 6.22
CA ALA B 245 19.68 3.58 6.46
C ALA B 245 19.29 3.31 7.91
N TYR B 246 19.89 4.07 8.84
CA TYR B 246 19.60 3.91 10.25
C TYR B 246 18.11 4.08 10.52
N LEU B 247 17.52 5.12 9.93
CA LEU B 247 16.10 5.38 10.12
C LEU B 247 15.23 4.35 9.40
N VAL B 248 15.60 3.99 8.18
CA VAL B 248 14.86 2.99 7.42
C VAL B 248 14.74 1.67 8.17
N GLU B 249 15.82 1.27 8.83
CA GLU B 249 15.86 0.00 9.56
C GLU B 249 15.38 0.09 11.01
N HIS B 250 15.10 1.30 11.48
CA HIS B 250 14.68 1.52 12.86
C HIS B 250 13.33 0.91 13.21
N PRO B 251 13.23 0.26 14.38
CA PRO B 251 11.95 -0.34 14.77
C PRO B 251 10.86 0.69 15.07
N ARG B 252 11.24 1.93 15.34
CA ARG B 252 10.28 2.98 15.64
C ARG B 252 9.93 3.93 14.50
N ILE B 253 10.34 3.57 13.29
CA ILE B 253 10.00 4.37 12.11
C ILE B 253 8.76 3.68 11.54
N ARG B 254 7.67 4.43 11.41
CA ARG B 254 6.40 3.89 10.94
C ARG B 254 6.27 3.73 9.43
N PHE B 255 6.83 4.67 8.69
CA PHE B 255 6.77 4.62 7.23
C PHE B 255 7.99 5.29 6.63
N ILE B 256 8.27 4.96 5.38
CA ILE B 256 9.39 5.51 4.65
C ILE B 256 8.88 6.05 3.32
N ASN B 257 9.16 7.32 3.04
CA ASN B 257 8.75 7.93 1.79
C ASN B 257 10.07 8.23 1.08
N PHE B 258 10.35 7.47 0.02
CA PHE B 258 11.60 7.59 -0.70
C PHE B 258 11.47 7.87 -2.19
N THR B 259 12.35 8.73 -2.69
CA THR B 259 12.42 9.02 -4.12
C THR B 259 13.92 9.03 -4.42
N GLY B 260 14.34 8.19 -5.34
CA GLY B 260 15.75 8.10 -5.67
C GLY B 260 16.05 6.98 -6.64
N SER B 261 17.28 6.50 -6.62
CA SER B 261 17.71 5.44 -7.52
C SER B 261 17.07 4.09 -7.22
N LEU B 262 17.02 3.24 -8.25
CA LEU B 262 16.46 1.92 -8.08
C LEU B 262 17.33 1.12 -7.12
N GLU B 263 18.65 1.26 -7.26
CA GLU B 263 19.58 0.54 -6.41
C GLU B 263 19.25 0.74 -4.94
N VAL B 264 19.08 2.00 -4.54
CA VAL B 264 18.75 2.31 -3.16
C VAL B 264 17.31 1.94 -2.82
N GLY B 265 16.40 2.18 -3.76
CA GLY B 265 15.01 1.84 -3.53
C GLY B 265 14.79 0.38 -3.23
N LEU B 266 15.54 -0.48 -3.91
CA LEU B 266 15.43 -1.92 -3.69
C LEU B 266 15.85 -2.29 -2.27
N LYS B 267 16.93 -1.68 -1.79
CA LYS B 267 17.42 -1.94 -0.44
C LYS B 267 16.42 -1.47 0.60
N ILE B 268 15.83 -0.31 0.36
CA ILE B 268 14.87 0.26 1.29
C ILE B 268 13.61 -0.59 1.36
N TYR B 269 13.09 -1.01 0.21
CA TYR B 269 11.89 -1.83 0.19
C TYR B 269 12.13 -3.16 0.90
N GLU B 270 13.31 -3.72 0.71
CA GLU B 270 13.63 -5.00 1.35
C GLU B 270 13.73 -4.81 2.86
N ALA B 271 14.41 -3.75 3.29
CA ALA B 271 14.55 -3.49 4.73
C ALA B 271 13.21 -3.22 5.38
N ALA B 272 12.33 -2.50 4.69
CA ALA B 272 11.02 -2.16 5.22
C ALA B 272 10.17 -3.41 5.45
N GLY B 273 10.46 -4.46 4.70
CA GLY B 273 9.71 -5.70 4.85
C GLY B 273 10.09 -6.53 6.05
N ARG B 274 11.19 -6.17 6.70
CA ARG B 274 11.67 -6.89 7.87
C ARG B 274 11.15 -6.31 9.18
N LEU B 275 10.96 -7.18 10.17
CA LEU B 275 10.50 -6.73 11.47
C LEU B 275 11.75 -6.52 12.33
N ALA B 276 12.13 -5.26 12.54
CA ALA B 276 13.29 -4.96 13.35
C ALA B 276 12.98 -5.37 14.79
N PRO B 277 14.01 -5.68 15.58
CA PRO B 277 13.78 -6.09 16.97
C PRO B 277 12.92 -5.10 17.75
N GLY B 278 11.80 -5.58 18.29
CA GLY B 278 10.92 -4.72 19.05
C GLY B 278 9.88 -3.95 18.25
N GLN B 279 9.93 -4.06 16.93
CA GLN B 279 9.00 -3.36 16.06
C GLN B 279 7.58 -3.91 16.25
N THR B 280 6.59 -3.01 16.29
CA THR B 280 5.21 -3.44 16.51
C THR B 280 4.24 -3.11 15.38
N TRP B 281 4.73 -3.08 14.15
CA TRP B 281 3.88 -2.82 12.99
C TRP B 281 4.56 -3.26 11.73
N PHE B 282 3.79 -3.32 10.65
CA PHE B 282 4.31 -3.66 9.34
C PHE B 282 4.61 -2.29 8.71
N LYS B 283 5.87 -2.00 8.47
CA LYS B 283 6.25 -0.72 7.89
C LYS B 283 5.71 -0.51 6.49
N ARG B 284 5.34 0.73 6.20
CA ARG B 284 4.90 1.07 4.87
C ARG B 284 6.07 1.78 4.22
N ALA B 285 6.40 1.39 2.99
CA ALA B 285 7.49 2.01 2.27
C ALA B 285 7.03 2.35 0.87
N TYR B 286 7.18 3.62 0.52
CA TYR B 286 6.82 4.08 -0.81
C TYR B 286 8.12 4.48 -1.46
N VAL B 287 8.44 3.82 -2.57
CA VAL B 287 9.67 4.09 -3.28
C VAL B 287 9.39 4.41 -4.74
N GLU B 288 9.80 5.59 -5.17
CA GLU B 288 9.61 6.01 -6.55
C GLU B 288 11.06 6.04 -7.03
N THR B 289 11.35 5.16 -7.97
N THR B 289 11.38 5.11 -7.93
CA THR B 289 12.69 5.01 -8.48
CA THR B 289 12.74 4.87 -8.42
C THR B 289 12.88 5.59 -9.88
C THR B 289 13.24 5.10 -9.85
N GLY B 290 13.93 5.15 -10.57
N GLY B 290 12.81 6.16 -10.52
CA GLY B 290 14.22 5.67 -11.88
CA GLY B 290 13.30 6.44 -11.88
C GLY B 290 13.36 5.20 -13.03
C GLY B 290 12.81 5.59 -13.03
N GLY B 291 13.76 5.59 -14.23
N GLY B 291 13.46 5.75 -14.19
CA GLY B 291 13.05 5.20 -15.43
CA GLY B 291 13.07 4.98 -15.37
C GLY B 291 13.98 5.22 -16.61
C GLY B 291 14.05 5.03 -16.54
N LYS B 292 13.57 4.56 -17.69
CA LYS B 292 14.35 4.54 -18.94
C LYS B 292 13.25 4.86 -19.93
N ASP B 293 12.87 6.13 -19.91
CA ASP B 293 11.76 6.63 -20.70
C ASP B 293 11.97 6.83 -22.18
N ALA B 294 11.00 6.38 -22.97
CA ALA B 294 11.08 6.49 -24.41
C ALA B 294 9.97 7.34 -25.03
N ILE B 295 10.31 7.93 -26.17
CA ILE B 295 9.36 8.68 -26.96
C ILE B 295 9.34 7.93 -28.29
N ILE B 296 8.16 7.53 -28.72
CA ILE B 296 7.96 6.85 -29.98
C ILE B 296 7.47 7.88 -30.97
N VAL B 297 7.99 7.84 -32.20
CA VAL B 297 7.52 8.74 -33.24
C VAL B 297 7.26 7.88 -34.48
N ASP B 298 6.07 7.97 -35.04
CA ASP B 298 5.78 7.22 -36.26
C ASP B 298 5.75 8.17 -37.45
N GLU B 299 5.58 7.63 -38.66
CA GLU B 299 5.62 8.44 -39.87
C GLU B 299 4.48 9.44 -40.11
N THR B 300 3.46 9.40 -39.27
CA THR B 300 2.32 10.31 -39.42
C THR B 300 2.47 11.57 -38.57
N ALA B 301 3.50 11.59 -37.72
CA ALA B 301 3.72 12.71 -36.81
C ALA B 301 4.18 14.01 -37.46
N ASP B 302 4.05 15.09 -36.69
CA ASP B 302 4.54 16.39 -37.10
C ASP B 302 5.99 16.28 -36.64
N PHE B 303 6.89 16.03 -37.59
CA PHE B 303 8.30 15.84 -37.28
C PHE B 303 8.99 16.99 -36.58
N ASP B 304 8.61 18.22 -36.91
CA ASP B 304 9.24 19.38 -36.27
C ASP B 304 8.78 19.46 -34.81
N LEU B 305 7.49 19.21 -34.58
CA LEU B 305 6.96 19.25 -33.23
C LEU B 305 7.62 18.14 -32.42
N ALA B 306 7.75 16.96 -33.01
CA ALA B 306 8.36 15.83 -32.34
C ALA B 306 9.82 16.11 -31.96
N ALA B 307 10.59 16.64 -32.91
CA ALA B 307 11.99 16.93 -32.65
C ALA B 307 12.17 17.90 -31.48
N GLU B 308 11.33 18.93 -31.44
CA GLU B 308 11.40 19.91 -30.36
C GLU B 308 11.09 19.25 -29.01
N GLY B 309 10.00 18.47 -28.97
CA GLY B 309 9.62 17.80 -27.73
C GLY B 309 10.66 16.80 -27.26
N VAL B 310 11.32 16.14 -28.22
CA VAL B 310 12.34 15.15 -27.89
C VAL B 310 13.55 15.85 -27.26
N VAL B 311 13.99 16.94 -27.86
CA VAL B 311 15.14 17.68 -27.34
C VAL B 311 14.86 18.24 -25.95
N VAL B 312 13.67 18.78 -25.75
CA VAL B 312 13.30 19.32 -24.45
C VAL B 312 13.28 18.19 -23.42
N SER B 313 12.67 17.07 -23.79
CA SER B 313 12.55 15.93 -22.88
C SER B 313 13.87 15.25 -22.56
N ALA B 314 14.77 15.19 -23.54
CA ALA B 314 16.05 14.52 -23.33
C ALA B 314 17.10 15.36 -22.64
N TYR B 315 17.12 16.66 -22.93
CA TYR B 315 18.16 17.51 -22.38
C TYR B 315 17.78 18.53 -21.32
N GLY B 316 16.49 18.62 -20.98
CA GLY B 316 16.06 19.53 -19.93
C GLY B 316 16.77 19.14 -18.66
N PHE B 317 17.31 20.12 -17.94
CA PHE B 317 18.09 19.88 -16.72
C PHE B 317 19.12 18.79 -16.95
N GLN B 318 19.76 18.86 -18.12
CA GLN B 318 20.82 17.94 -18.48
C GLN B 318 20.43 16.47 -18.44
N GLY B 319 19.15 16.18 -18.66
CA GLY B 319 18.68 14.79 -18.63
C GLY B 319 18.63 14.17 -17.25
N GLN B 320 18.79 15.00 -16.21
CA GLN B 320 18.76 14.52 -14.83
C GLN B 320 17.34 14.51 -14.28
N LYS B 321 16.45 13.81 -14.97
CA LYS B 321 15.07 13.71 -14.56
C LYS B 321 14.62 12.26 -14.68
N CYS B 322 13.82 11.81 -13.73
CA CYS B 322 13.33 10.44 -13.77
C CYS B 322 12.41 10.28 -14.98
N SER B 323 11.90 11.39 -15.48
CA SER B 323 10.98 11.44 -16.62
C SER B 323 11.66 11.75 -17.96
N ALA B 324 12.96 11.99 -17.94
CA ALA B 324 13.70 12.34 -19.15
C ALA B 324 13.64 11.32 -20.26
N ALA B 325 13.52 11.80 -21.50
CA ALA B 325 13.50 10.90 -22.64
C ALA B 325 14.95 10.47 -22.87
N SER B 326 15.25 9.20 -22.58
CA SER B 326 16.59 8.69 -22.80
C SER B 326 16.61 7.70 -23.96
N ARG B 327 15.42 7.42 -24.50
CA ARG B 327 15.28 6.54 -25.65
C ARG B 327 14.36 7.20 -26.67
N LEU B 328 14.76 7.16 -27.94
CA LEU B 328 13.96 7.70 -29.02
C LEU B 328 13.73 6.53 -29.97
N ILE B 329 12.48 6.07 -30.02
CA ILE B 329 12.12 4.93 -30.86
C ILE B 329 11.42 5.45 -32.11
N LEU B 330 12.08 5.26 -33.25
CA LEU B 330 11.55 5.75 -34.52
C LEU B 330 11.18 4.64 -35.47
N THR B 331 9.96 4.70 -36.01
CA THR B 331 9.55 3.70 -36.99
C THR B 331 10.36 4.05 -38.24
N GLN B 332 10.45 3.13 -39.17
CA GLN B 332 11.27 3.38 -40.36
C GLN B 332 10.93 4.63 -41.15
N GLY B 333 9.64 4.92 -41.30
CA GLY B 333 9.25 6.10 -42.05
C GLY B 333 9.58 7.41 -41.34
N ALA B 334 9.75 7.34 -40.01
CA ALA B 334 10.05 8.54 -39.24
C ALA B 334 11.53 8.69 -38.91
N TYR B 335 12.29 7.62 -39.08
CA TYR B 335 13.71 7.64 -38.72
C TYR B 335 14.57 8.80 -39.20
N GLU B 336 14.79 8.88 -40.50
CA GLU B 336 15.63 9.95 -41.05
C GLU B 336 15.08 11.36 -40.80
N PRO B 337 13.79 11.58 -41.09
CA PRO B 337 13.22 12.92 -40.89
C PRO B 337 13.35 13.43 -39.45
N VAL B 338 13.03 12.56 -38.49
CA VAL B 338 13.10 12.96 -37.10
C VAL B 338 14.54 13.06 -36.58
N LEU B 339 15.37 12.07 -36.90
CA LEU B 339 16.75 12.08 -36.44
C LEU B 339 17.48 13.33 -36.93
N GLU B 340 17.30 13.67 -38.20
CA GLU B 340 17.94 14.85 -38.77
C GLU B 340 17.54 16.10 -38.01
N ARG B 341 16.24 16.24 -37.73
CA ARG B 341 15.74 17.41 -37.01
C ARG B 341 16.22 17.44 -35.57
N VAL B 342 16.27 16.28 -34.92
CA VAL B 342 16.74 16.21 -33.55
C VAL B 342 18.20 16.63 -33.46
N LEU B 343 19.02 16.13 -34.38
CA LEU B 343 20.44 16.47 -34.37
C LEU B 343 20.66 17.97 -34.62
N LYS B 344 19.91 18.55 -35.57
CA LYS B 344 20.04 19.96 -35.87
C LYS B 344 19.69 20.84 -34.67
N ARG B 345 18.64 20.46 -33.94
CA ARG B 345 18.22 21.22 -32.77
C ARG B 345 19.19 21.02 -31.62
N ALA B 346 19.60 19.77 -31.39
CA ALA B 346 20.51 19.45 -30.31
C ALA B 346 21.87 20.12 -30.43
N GLU B 347 22.38 20.22 -31.65
CA GLU B 347 23.68 20.82 -31.86
C GLU B 347 23.71 22.32 -31.58
N ARG B 348 22.54 22.93 -31.53
CA ARG B 348 22.43 24.37 -31.25
C ARG B 348 22.27 24.69 -29.76
N LEU B 349 22.18 23.66 -28.93
CA LEU B 349 22.01 23.87 -27.50
C LEU B 349 23.29 24.38 -26.84
N SER B 350 23.14 25.39 -25.99
CA SER B 350 24.28 25.95 -25.27
C SER B 350 24.50 25.21 -23.96
N VAL B 351 25.76 25.15 -23.52
CA VAL B 351 26.12 24.49 -22.28
C VAL B 351 27.09 25.39 -21.53
N GLY B 352 26.79 25.67 -20.26
CA GLY B 352 27.68 26.52 -19.49
C GLY B 352 27.15 26.78 -18.09
N PRO B 353 27.74 27.74 -17.36
CA PRO B 353 27.31 28.08 -16.00
C PRO B 353 25.81 28.30 -15.96
N ALA B 354 25.14 27.59 -15.06
CA ALA B 354 23.69 27.68 -14.93
C ALA B 354 23.13 29.08 -14.75
N GLU B 355 23.85 29.94 -14.03
CA GLU B 355 23.36 31.29 -13.79
C GLU B 355 23.22 32.15 -15.05
N GLU B 356 23.87 31.74 -16.13
CA GLU B 356 23.77 32.50 -17.37
C GLU B 356 22.58 32.02 -18.20
N ASN B 357 21.78 31.15 -17.59
CA ASN B 357 20.60 30.57 -18.22
C ASN B 357 20.85 29.90 -19.56
N PRO B 358 21.79 28.95 -19.60
CA PRO B 358 22.11 28.23 -20.84
C PRO B 358 21.04 27.17 -21.03
N ASP B 359 21.02 26.52 -22.18
CA ASP B 359 20.06 25.46 -22.41
C ASP B 359 20.37 24.33 -21.43
N LEU B 360 21.67 24.10 -21.22
CA LEU B 360 22.13 23.08 -20.28
C LEU B 360 23.18 23.62 -19.33
N GLY B 361 22.99 23.34 -18.05
CA GLY B 361 23.98 23.70 -17.05
C GLY B 361 24.87 22.49 -16.93
N PRO B 362 25.60 22.34 -15.81
CA PRO B 362 26.50 21.20 -15.60
C PRO B 362 25.73 20.06 -14.94
N VAL B 363 26.29 18.86 -14.94
CA VAL B 363 25.63 17.78 -14.21
C VAL B 363 25.95 18.14 -12.76
N VAL B 364 25.23 17.54 -11.82
CA VAL B 364 25.36 17.93 -10.42
C VAL B 364 26.64 17.73 -9.61
N SER B 365 27.46 16.76 -9.97
CA SER B 365 28.66 16.49 -9.18
C SER B 365 29.72 15.74 -9.95
N ALA B 366 30.90 15.63 -9.36
CA ALA B 366 32.00 14.91 -9.97
C ALA B 366 31.61 13.44 -10.13
N GLU B 367 30.87 12.92 -9.15
CA GLU B 367 30.43 11.53 -9.20
C GLU B 367 29.47 11.32 -10.37
N GLN B 368 28.53 12.25 -10.55
CA GLN B 368 27.59 12.12 -11.65
C GLN B 368 28.34 12.27 -12.97
N GLU B 369 29.32 13.17 -13.02
CA GLU B 369 30.08 13.36 -14.23
C GLU B 369 30.79 12.05 -14.58
N ARG B 370 31.37 11.41 -13.57
CA ARG B 370 32.08 10.15 -13.76
C ARG B 370 31.13 9.07 -14.31
N LYS B 371 29.93 8.98 -13.74
CA LYS B 371 28.96 8.00 -14.17
C LYS B 371 28.51 8.21 -15.61
N VAL B 372 28.15 9.45 -15.95
CA VAL B 372 27.71 9.76 -17.29
C VAL B 372 28.80 9.50 -18.33
N LEU B 373 30.03 9.92 -18.01
CA LEU B 373 31.14 9.70 -18.93
C LEU B 373 31.40 8.20 -19.10
N SER B 374 31.22 7.45 -18.03
CA SER B 374 31.42 6.00 -18.09
C SER B 374 30.38 5.37 -19.02
N TYR B 375 29.14 5.82 -18.93
CA TYR B 375 28.09 5.29 -19.80
C TYR B 375 28.33 5.68 -21.25
N ILE B 376 28.96 6.84 -21.46
CA ILE B 376 29.27 7.27 -22.81
C ILE B 376 30.29 6.30 -23.41
N GLU B 377 31.25 5.86 -22.59
CA GLU B 377 32.25 4.91 -23.06
C GLU B 377 31.58 3.58 -23.38
N ILE B 378 30.64 3.18 -22.55
CA ILE B 378 29.91 1.93 -22.76
C ILE B 378 29.12 2.04 -24.07
N GLY B 379 28.51 3.21 -24.27
CA GLY B 379 27.72 3.44 -25.47
C GLY B 379 28.52 3.34 -26.76
N LYS B 380 29.78 3.78 -26.71
CA LYS B 380 30.64 3.73 -27.89
C LYS B 380 30.88 2.29 -28.33
N ASN B 381 30.67 1.35 -27.41
CA ASN B 381 30.87 -0.06 -27.70
C ASN B 381 29.56 -0.78 -28.01
N GLU B 382 28.44 -0.05 -27.94
CA GLU B 382 27.14 -0.63 -28.20
C GLU B 382 26.43 0.01 -29.39
N GLY B 383 26.57 1.33 -29.52
CA GLY B 383 25.94 2.03 -30.61
C GLY B 383 26.89 2.94 -31.36
N GLN B 384 26.35 3.87 -32.13
CA GLN B 384 27.16 4.80 -32.90
C GLN B 384 27.01 6.22 -32.37
N LEU B 385 28.10 6.79 -31.88
CA LEU B 385 28.07 8.16 -31.37
C LEU B 385 27.97 9.11 -32.57
N VAL B 386 26.93 9.94 -32.58
CA VAL B 386 26.75 10.88 -33.69
C VAL B 386 26.73 12.34 -33.25
N LEU B 387 26.70 12.59 -31.95
CA LEU B 387 26.71 13.95 -31.43
C LEU B 387 27.18 14.00 -29.99
N GLY B 388 28.00 14.99 -29.69
CA GLY B 388 28.51 15.16 -28.33
C GLY B 388 29.37 14.03 -27.82
N GLY B 389 29.08 13.58 -26.60
CA GLY B 389 29.83 12.50 -25.99
C GLY B 389 31.14 12.94 -25.37
N LYS B 390 31.25 14.24 -25.10
CA LYS B 390 32.48 14.80 -24.52
C LYS B 390 32.22 15.73 -23.35
N ARG B 391 33.24 15.87 -22.50
CA ARG B 391 33.22 16.77 -21.37
C ARG B 391 33.63 18.09 -22.01
N LEU B 392 33.04 19.20 -21.56
CA LEU B 392 33.39 20.50 -22.11
C LEU B 392 34.36 21.22 -21.20
N GLU B 393 35.12 22.17 -21.75
CA GLU B 393 36.12 22.90 -21.00
C GLU B 393 35.58 23.67 -19.80
N GLY B 394 36.30 23.59 -18.69
CA GLY B 394 35.90 24.29 -17.50
C GLY B 394 35.86 23.38 -16.28
N GLU B 395 36.05 23.98 -15.12
CA GLU B 395 36.02 23.26 -13.86
C GLU B 395 34.63 22.66 -13.65
N GLY B 396 33.60 23.38 -14.07
CA GLY B 396 32.23 22.90 -13.94
C GLY B 396 32.02 21.60 -14.68
N TYR B 397 31.07 20.80 -14.21
CA TYR B 397 30.79 19.49 -14.82
C TYR B 397 29.93 19.56 -16.07
N PHE B 398 30.45 20.25 -17.08
CA PHE B 398 29.74 20.43 -18.35
C PHE B 398 29.91 19.26 -19.30
N ILE B 399 28.79 18.68 -19.71
CA ILE B 399 28.79 17.56 -20.65
C ILE B 399 27.90 17.95 -21.82
N ALA B 400 28.39 17.71 -23.04
CA ALA B 400 27.64 18.05 -24.23
C ALA B 400 26.47 17.12 -24.51
N PRO B 401 25.39 17.66 -25.08
CA PRO B 401 24.21 16.84 -25.41
C PRO B 401 24.74 15.71 -26.28
N THR B 402 24.39 14.48 -25.92
CA THR B 402 24.89 13.32 -26.63
C THR B 402 23.82 12.47 -27.28
N VAL B 403 24.13 11.94 -28.46
CA VAL B 403 23.21 11.09 -29.19
C VAL B 403 23.92 9.85 -29.75
N PHE B 404 23.34 8.69 -29.48
CA PHE B 404 23.85 7.42 -29.99
C PHE B 404 22.76 6.88 -30.91
N THR B 405 23.15 6.36 -32.07
CA THR B 405 22.19 5.80 -33.02
C THR B 405 22.44 4.32 -33.21
N GLU B 406 21.53 3.66 -33.90
CA GLU B 406 21.61 2.23 -34.17
C GLU B 406 21.92 1.46 -32.90
N VAL B 407 21.22 1.82 -31.83
CA VAL B 407 21.40 1.18 -30.53
C VAL B 407 20.49 -0.04 -30.37
N PRO B 408 21.07 -1.20 -30.02
CA PRO B 408 20.25 -2.41 -29.85
C PRO B 408 19.36 -2.21 -28.63
N PRO B 409 18.09 -2.60 -28.73
CA PRO B 409 17.13 -2.45 -27.62
C PRO B 409 17.62 -3.03 -26.29
N LYS B 410 18.42 -4.09 -26.36
CA LYS B 410 18.94 -4.75 -25.17
C LYS B 410 20.27 -4.21 -24.70
N ALA B 411 20.80 -3.21 -25.39
CA ALA B 411 22.08 -2.63 -25.01
C ALA B 411 22.00 -1.97 -23.63
N ARG B 412 23.12 -1.91 -22.93
CA ARG B 412 23.13 -1.31 -21.60
C ARG B 412 22.63 0.13 -21.64
N ILE B 413 23.04 0.89 -22.65
CA ILE B 413 22.59 2.28 -22.72
C ILE B 413 21.13 2.40 -23.13
N ALA B 414 20.50 1.28 -23.48
CA ALA B 414 19.09 1.29 -23.85
C ALA B 414 18.25 0.67 -22.73
N GLN B 415 18.91 0.25 -21.66
CA GLN B 415 18.23 -0.40 -20.54
C GLN B 415 18.47 0.24 -19.19
N GLU B 416 19.68 0.76 -18.97
CA GLU B 416 20.05 1.35 -17.70
C GLU B 416 19.91 2.86 -17.67
N GLU B 417 19.48 3.38 -16.52
CA GLU B 417 19.29 4.81 -16.35
C GLU B 417 20.63 5.54 -16.21
N ILE B 418 20.94 6.36 -17.21
CA ILE B 418 22.19 7.11 -17.23
C ILE B 418 22.08 8.41 -16.45
N PHE B 419 20.90 9.01 -16.48
CA PHE B 419 20.64 10.26 -15.76
C PHE B 419 21.59 11.38 -16.16
N GLY B 420 21.81 11.48 -17.47
CA GLY B 420 22.69 12.50 -18.02
C GLY B 420 22.15 12.90 -19.37
N PRO B 421 22.79 13.85 -20.07
CA PRO B 421 22.30 14.29 -21.38
C PRO B 421 22.68 13.30 -22.49
N VAL B 422 22.17 12.09 -22.40
CA VAL B 422 22.47 11.04 -23.36
C VAL B 422 21.22 10.38 -23.92
N LEU B 423 21.01 10.54 -25.22
CA LEU B 423 19.85 9.98 -25.89
C LEU B 423 20.23 8.80 -26.78
N SER B 424 19.51 7.69 -26.64
CA SER B 424 19.75 6.49 -27.44
C SER B 424 18.63 6.37 -28.47
N VAL B 425 18.99 6.33 -29.75
CA VAL B 425 18.01 6.23 -30.82
C VAL B 425 17.92 4.80 -31.34
N ILE B 426 16.69 4.28 -31.35
CA ILE B 426 16.42 2.91 -31.78
C ILE B 426 15.49 2.87 -32.98
N ARG B 427 15.88 2.16 -34.04
CA ARG B 427 15.08 2.05 -35.25
C ARG B 427 14.21 0.80 -35.21
N VAL B 428 12.91 0.96 -35.44
CA VAL B 428 12.00 -0.19 -35.45
C VAL B 428 11.19 -0.21 -36.75
N LYS B 429 10.62 -1.37 -37.05
CA LYS B 429 9.85 -1.54 -38.28
C LYS B 429 8.52 -0.80 -38.33
N ASP B 430 7.69 -1.02 -37.31
CA ASP B 430 6.37 -0.38 -37.26
C ASP B 430 5.98 -0.01 -35.84
N PHE B 431 4.74 0.46 -35.68
CA PHE B 431 4.26 0.87 -34.37
C PHE B 431 4.22 -0.28 -33.37
N ALA B 432 3.81 -1.46 -33.83
CA ALA B 432 3.74 -2.61 -32.95
C ALA B 432 5.11 -2.89 -32.34
N GLU B 433 6.15 -2.87 -33.17
CA GLU B 433 7.50 -3.12 -32.67
C GLU B 433 7.95 -1.97 -31.79
N ALA B 434 7.51 -0.76 -32.11
CA ALA B 434 7.86 0.40 -31.30
C ALA B 434 7.36 0.20 -29.88
N LEU B 435 6.12 -0.27 -29.73
CA LEU B 435 5.57 -0.51 -28.41
C LEU B 435 6.29 -1.65 -27.69
N GLU B 436 6.64 -2.70 -28.44
CA GLU B 436 7.35 -3.82 -27.85
C GLU B 436 8.68 -3.35 -27.28
N VAL B 437 9.41 -2.55 -28.05
CA VAL B 437 10.70 -2.03 -27.60
C VAL B 437 10.50 -1.07 -26.44
N ALA B 438 9.45 -0.25 -26.51
CA ALA B 438 9.18 0.71 -25.45
C ALA B 438 8.93 0.01 -24.12
N ASN B 439 8.17 -1.08 -24.15
CA ASN B 439 7.83 -1.83 -22.95
C ASN B 439 8.91 -2.76 -22.44
N ASP B 440 9.86 -3.11 -23.30
CA ASP B 440 10.91 -4.04 -22.90
C ASP B 440 12.09 -3.47 -22.14
N THR B 441 11.81 -3.00 -20.92
CA THR B 441 12.84 -2.49 -20.01
C THR B 441 12.26 -2.82 -18.63
N PRO B 442 13.09 -2.75 -17.58
CA PRO B 442 12.58 -3.05 -16.24
C PRO B 442 11.75 -1.93 -15.65
N TYR B 443 11.74 -0.78 -16.33
CA TYR B 443 11.04 0.41 -15.86
C TYR B 443 9.68 0.67 -16.49
N GLY B 444 9.01 1.72 -16.00
CA GLY B 444 7.70 2.08 -16.53
C GLY B 444 7.23 3.40 -15.96
N LEU B 445 8.07 4.42 -16.04
CA LEU B 445 7.71 5.73 -15.49
C LEU B 445 7.00 6.64 -16.49
N THR B 446 7.74 7.24 -17.41
CA THR B 446 7.11 8.09 -18.41
C THR B 446 7.35 7.56 -19.81
N GLY B 447 6.52 8.04 -20.74
CA GLY B 447 6.65 7.64 -22.12
C GLY B 447 5.88 8.62 -22.96
N GLY B 448 6.19 8.67 -24.24
CA GLY B 448 5.49 9.57 -25.11
C GLY B 448 5.34 9.02 -26.51
N VAL B 449 4.36 9.54 -27.24
CA VAL B 449 4.12 9.16 -28.61
C VAL B 449 3.78 10.39 -29.43
N TYR B 450 4.49 10.57 -30.54
CA TYR B 450 4.18 11.64 -31.47
C TYR B 450 3.60 10.91 -32.67
N SER B 451 2.34 11.20 -32.96
CA SER B 451 1.63 10.57 -34.06
C SER B 451 0.33 11.32 -34.30
N ARG B 452 -0.14 11.29 -35.54
CA ARG B 452 -1.42 11.92 -35.88
C ARG B 452 -2.47 10.82 -36.03
N LYS B 453 -2.04 9.56 -36.06
CA LYS B 453 -2.98 8.46 -36.23
C LYS B 453 -3.70 8.14 -34.92
N ARG B 454 -5.00 8.42 -34.89
CA ARG B 454 -5.80 8.17 -33.69
C ARG B 454 -5.68 6.76 -33.16
N GLU B 455 -5.70 5.79 -34.05
CA GLU B 455 -5.62 4.39 -33.65
C GLU B 455 -4.31 4.05 -32.94
N HIS B 456 -3.22 4.71 -33.32
CA HIS B 456 -1.95 4.46 -32.67
C HIS B 456 -1.94 5.07 -31.27
N LEU B 457 -2.47 6.28 -31.15
CA LEU B 457 -2.52 6.93 -29.86
C LEU B 457 -3.39 6.16 -28.88
N GLU B 458 -4.58 5.76 -29.30
CA GLU B 458 -5.46 5.03 -28.39
C GLU B 458 -4.90 3.63 -28.08
N TRP B 459 -4.16 3.07 -29.02
CA TRP B 459 -3.51 1.77 -28.84
C TRP B 459 -2.47 1.95 -27.71
N ALA B 460 -1.65 2.98 -27.82
CA ALA B 460 -0.64 3.26 -26.81
C ALA B 460 -1.27 3.57 -25.45
N ARG B 461 -2.41 4.25 -25.46
CA ARG B 461 -3.10 4.60 -24.23
C ARG B 461 -3.36 3.33 -23.43
N ARG B 462 -3.63 2.24 -24.14
CA ARG B 462 -3.92 0.96 -23.52
C ARG B 462 -2.69 0.07 -23.32
N GLU B 463 -1.75 0.11 -24.26
CA GLU B 463 -0.59 -0.79 -24.21
C GLU B 463 0.81 -0.29 -23.87
N PHE B 464 1.04 1.02 -23.90
CA PHE B 464 2.36 1.57 -23.56
C PHE B 464 2.33 1.60 -22.03
N HIS B 465 2.98 0.62 -21.41
CA HIS B 465 2.94 0.45 -19.96
C HIS B 465 3.84 1.34 -19.12
N VAL B 466 3.43 2.60 -18.99
CA VAL B 466 4.13 3.58 -18.18
C VAL B 466 3.07 4.33 -17.37
N GLY B 467 3.46 4.81 -16.20
CA GLY B 467 2.51 5.50 -15.33
C GLY B 467 2.09 6.87 -15.82
N ASN B 468 2.95 7.53 -16.58
CA ASN B 468 2.67 8.85 -17.13
C ASN B 468 3.01 8.86 -18.60
N LEU B 469 1.97 8.88 -19.42
CA LEU B 469 2.09 8.84 -20.88
C LEU B 469 1.63 10.17 -21.46
N TYR B 470 2.38 10.67 -22.45
CA TYR B 470 2.05 11.94 -23.08
C TYR B 470 2.04 11.82 -24.60
N PHE B 471 1.03 12.42 -25.22
CA PHE B 471 0.89 12.38 -26.67
C PHE B 471 1.10 13.76 -27.30
N ASN B 472 2.01 13.80 -28.26
CA ASN B 472 2.34 15.00 -29.01
C ASN B 472 2.80 16.18 -28.17
N ARG B 473 3.59 15.87 -27.16
CA ARG B 473 4.18 16.87 -26.27
C ARG B 473 5.30 16.24 -25.46
N LYS B 474 6.10 17.08 -24.79
CA LYS B 474 7.21 16.62 -23.97
C LYS B 474 6.71 15.64 -22.91
N ILE B 475 7.60 14.74 -22.47
CA ILE B 475 7.22 13.75 -21.47
C ILE B 475 7.70 14.10 -20.06
N THR B 476 8.26 15.29 -19.91
CA THR B 476 8.73 15.76 -18.61
C THR B 476 7.79 16.88 -18.14
N GLY B 477 7.99 17.31 -16.90
CA GLY B 477 7.21 18.41 -16.35
C GLY B 477 5.79 18.13 -15.89
N ALA B 478 5.54 16.94 -15.34
CA ALA B 478 4.20 16.60 -14.85
C ALA B 478 3.73 17.68 -13.88
N LEU B 479 2.50 18.16 -14.06
CA LEU B 479 1.96 19.18 -13.19
C LEU B 479 1.10 18.58 -12.08
N VAL B 480 1.33 19.06 -10.86
CA VAL B 480 0.57 18.63 -9.70
C VAL B 480 -0.93 18.79 -10.00
N GLY B 481 -1.71 17.77 -9.63
CA GLY B 481 -3.14 17.81 -9.85
C GLY B 481 -3.60 17.43 -11.25
N VAL B 482 -2.88 17.89 -12.26
CA VAL B 482 -3.22 17.61 -13.65
C VAL B 482 -2.79 16.20 -14.06
N GLN B 483 -1.54 15.88 -13.74
CA GLN B 483 -0.97 14.58 -14.08
C GLN B 483 -0.41 13.83 -12.88
N PRO B 484 -1.25 13.00 -12.22
CA PRO B 484 -0.80 12.21 -11.06
C PRO B 484 0.52 11.57 -11.49
N PHE B 485 1.58 11.77 -10.72
CA PHE B 485 2.89 11.28 -11.11
C PHE B 485 3.41 10.06 -10.37
N GLY B 486 3.78 9.03 -11.11
CA GLY B 486 4.28 7.80 -10.51
C GLY B 486 4.28 6.70 -11.53
N GLY B 487 5.25 5.79 -11.44
CA GLY B 487 5.34 4.73 -12.42
C GLY B 487 4.93 3.33 -12.03
N PHE B 488 5.26 2.41 -12.95
CA PHE B 488 4.98 0.98 -12.83
C PHE B 488 6.31 0.24 -12.80
N LYS B 489 6.22 -1.07 -12.57
CA LYS B 489 7.40 -1.93 -12.58
C LYS B 489 8.52 -1.43 -11.68
N LEU B 490 9.77 -1.48 -12.15
CA LEU B 490 10.84 -1.03 -11.26
C LEU B 490 11.02 0.46 -11.16
N SER B 491 10.01 1.20 -11.62
CA SER B 491 10.01 2.65 -11.50
C SER B 491 9.39 3.02 -10.14
N GLY B 492 8.93 2.01 -9.39
CA GLY B 492 8.39 2.30 -8.08
C GLY B 492 7.12 1.60 -7.66
N THR B 493 6.57 2.06 -6.54
CA THR B 493 5.36 1.50 -5.96
C THR B 493 4.07 2.17 -6.44
N ASN B 494 4.18 3.07 -7.41
CA ASN B 494 3.03 3.79 -7.98
C ASN B 494 2.33 4.70 -6.99
N ALA B 495 3.10 5.36 -6.13
CA ALA B 495 2.53 6.32 -5.18
C ALA B 495 2.38 7.57 -6.02
N LYS B 496 1.18 7.83 -6.50
CA LYS B 496 0.90 8.97 -7.35
C LYS B 496 0.92 10.33 -6.65
N THR B 497 2.00 11.08 -6.87
CA THR B 497 2.11 12.38 -6.25
C THR B 497 1.20 13.38 -6.96
N GLY B 498 0.80 14.42 -6.23
CA GLY B 498 -0.07 15.42 -6.82
C GLY B 498 -1.44 14.87 -7.18
N ALA B 499 -1.89 13.90 -6.40
CA ALA B 499 -3.18 13.27 -6.63
C ALA B 499 -3.84 12.99 -5.29
N LEU B 500 -5.17 12.94 -5.30
CA LEU B 500 -5.93 12.69 -4.08
C LEU B 500 -5.49 11.40 -3.39
N ASP B 501 -5.22 10.38 -4.21
CA ASP B 501 -4.81 9.07 -3.71
C ASP B 501 -3.52 9.08 -2.89
N TYR B 502 -2.66 10.06 -3.12
CA TYR B 502 -1.39 10.10 -2.40
C TYR B 502 -1.55 10.11 -0.90
N LEU B 503 -2.47 10.93 -0.40
CA LEU B 503 -2.64 11.05 1.04
C LEU B 503 -3.15 9.80 1.73
N ARG B 504 -3.91 8.98 1.00
CA ARG B 504 -4.45 7.74 1.56
C ARG B 504 -3.32 6.81 2.01
N LEU B 505 -2.17 6.93 1.34
CA LEU B 505 -1.01 6.10 1.66
C LEU B 505 -0.48 6.34 3.06
N PHE B 506 -0.81 7.50 3.63
CA PHE B 506 -0.31 7.85 4.95
C PHE B 506 -1.38 7.85 6.03
N LEU B 507 -2.42 7.06 5.80
CA LEU B 507 -3.54 6.93 6.72
C LEU B 507 -3.94 5.47 6.89
N GLU B 508 -4.54 5.18 8.03
CA GLU B 508 -5.08 3.85 8.29
C GLU B 508 -6.54 4.11 8.68
N MET B 509 -7.39 3.10 8.55
CA MET B 509 -8.81 3.28 8.85
C MET B 509 -9.28 2.55 10.10
N LYS B 510 -10.15 3.23 10.84
CA LYS B 510 -10.73 2.69 12.06
C LYS B 510 -12.25 2.65 11.86
N ALA B 511 -12.88 1.56 12.31
CA ALA B 511 -14.33 1.40 12.22
C ALA B 511 -14.85 1.24 13.63
N VAL B 512 -15.74 2.13 14.05
CA VAL B 512 -16.30 2.11 15.39
C VAL B 512 -17.81 2.00 15.37
N ALA B 513 -18.31 0.98 16.05
CA ALA B 513 -19.74 0.73 16.12
C ALA B 513 -20.29 0.89 17.52
N GLU B 514 -21.46 1.50 17.65
CA GLU B 514 -22.10 1.60 18.95
C GLU B 514 -23.51 1.07 18.81
N ARG B 515 -23.82 0.05 19.62
CA ARG B 515 -25.16 -0.54 19.63
C ARG B 515 -25.90 0.20 20.73
N PHE B 516 -26.98 0.90 20.36
CA PHE B 516 -27.73 1.67 21.34
C PHE B 516 -28.65 0.84 22.22
PA NAD C . -1.54 -19.90 9.23
O1A NAD C . -0.72 -18.69 9.20
O2A NAD C . -0.93 -21.04 9.98
O5B NAD C . -1.83 -20.37 7.74
C5B NAD C . -2.54 -19.47 6.85
C4B NAD C . -2.35 -19.93 5.42
O4B NAD C . -0.94 -19.79 5.12
C3B NAD C . -2.71 -21.41 5.08
O3B NAD C . -3.15 -21.42 3.72
C2B NAD C . -1.31 -22.07 5.18
O2B NAD C . -1.19 -23.27 4.48
C1B NAD C . -0.42 -20.97 4.60
N9A NAD C . 0.98 -21.03 5.01
C8A NAD C . 1.57 -21.60 6.11
N7A NAD C . 2.87 -21.46 6.17
C5A NAD C . 3.17 -20.74 5.04
C6A NAD C . 4.39 -20.24 4.48
N6A NAD C . 5.59 -20.39 5.03
N1A NAD C . 4.33 -19.54 3.29
C2A NAD C . 3.12 -19.35 2.69
N3A NAD C . 1.93 -19.78 3.12
C4A NAD C . 2.01 -20.46 4.30
O3 NAD C . -2.98 -19.59 9.86
PN NAD C . -4.29 -20.44 10.14
O1N NAD C . -4.05 -21.31 11.31
O2N NAD C . -4.72 -21.02 8.84
O5D NAD C . -5.36 -19.28 10.46
C5D NAD C . -5.47 -18.77 11.81
C4D NAD C . -4.73 -17.47 11.93
O4D NAD C . -5.29 -16.51 10.99
C3D NAD C . -4.82 -16.80 13.32
O3D NAD C . -3.62 -16.11 13.65
C2D NAD C . -5.93 -15.76 13.08
O2D NAD C . -5.97 -14.68 13.98
C1D NAD C . -5.60 -15.34 11.65
N1N NAD C . -6.80 -14.72 10.98
C2N NAD C . -6.75 -13.39 10.75
C3N NAD C . -7.83 -12.75 10.19
C7N NAD C . -7.82 -11.28 9.88
O7N NAD C . -8.76 -10.82 9.22
N7N NAD C . -6.82 -10.55 10.32
C4N NAD C . -8.97 -13.49 9.89
C5N NAD C . -8.98 -14.87 10.14
C6N NAD C . -7.88 -15.47 10.68
CAC FLC D . -12.55 -13.44 12.40
CA FLC D . -13.80 -13.62 11.59
CB FLC D . -14.66 -12.35 11.37
CBC FLC D . -15.20 -11.46 12.57
CG FLC D . -15.93 -12.75 10.50
CGC FLC D . -16.79 -11.51 10.10
OA1 FLC D . -11.71 -14.40 12.30
OA2 FLC D . -12.54 -12.75 13.36
OB1 FLC D . -15.14 -10.24 12.74
OB2 FLC D . -15.70 -12.32 13.36
OG1 FLC D . -16.41 -10.45 9.57
OG2 FLC D . -18.02 -11.73 10.48
OHB FLC D . -13.91 -11.38 10.63
C1 MRD E . 16.92 -4.14 -13.27
C2 MRD E . 17.54 -5.32 -12.54
O2 MRD E . 18.96 -5.23 -12.79
CM MRD E . 17.28 -5.25 -11.07
C3 MRD E . 17.09 -6.70 -13.08
C4 MRD E . 15.59 -7.03 -13.05
O4 MRD E . 15.28 -7.80 -11.92
C5 MRD E . 15.21 -7.85 -14.27
C1 MPD F . -20.37 -0.64 -3.28
C2 MPD F . -21.60 -0.35 -2.46
O2 MPD F . -22.57 0.14 -3.40
CM MPD F . -22.10 -1.58 -1.80
C3 MPD F . -21.32 0.75 -1.40
C4 MPD F . -22.48 1.50 -0.75
O4 MPD F . -21.97 2.37 0.24
C5 MPD F . -23.25 2.42 -1.71
C1 MPD G . -25.11 -17.40 21.83
C2 MPD G . -24.47 -18.28 22.88
O2 MPD G . -23.88 -17.39 23.84
CM MPD G . -25.50 -19.14 23.55
C3 MPD G . -23.35 -19.21 22.33
C4 MPD G . -21.99 -18.56 22.03
O4 MPD G . -20.95 -19.49 22.20
C5 MPD G . -21.91 -18.10 20.59
C1 MPD H . -16.12 -34.44 -11.26
C2 MPD H . -15.26 -33.21 -11.51
O2 MPD H . -14.06 -33.69 -12.16
CM MPD H . -15.94 -32.21 -12.39
C3 MPD H . -14.77 -32.52 -10.21
C4 MPD H . -15.82 -31.79 -9.36
O4 MPD H . -16.67 -32.71 -8.72
C5 MPD H . -15.14 -30.99 -8.27
CL CL I . -6.83 4.65 16.96
PA NAD J . 19.96 8.05 -4.67
O1A NAD J . 19.20 6.80 -4.63
O2A NAD J . 21.42 7.86 -4.92
O5B NAD J . 19.76 8.82 -3.30
C5B NAD J . 18.43 9.23 -2.91
C4B NAD J . 18.43 9.60 -1.44
O4B NAD J . 18.70 8.38 -0.70
C3B NAD J . 19.46 10.64 -0.94
O3B NAD J . 18.87 11.38 0.14
C2B NAD J . 20.59 9.71 -0.41
O2B NAD J . 21.44 10.30 0.54
C1B NAD J . 19.75 8.57 0.19
N9A NAD J . 20.43 7.26 0.30
C8A NAD J . 21.50 6.75 -0.40
N7A NAD J . 21.84 5.54 -0.06
C5A NAD J . 20.94 5.21 0.93
C6A NAD J . 20.74 4.03 1.74
N6A NAD J . 21.48 2.93 1.65
N1A NAD J . 19.72 4.05 2.66
C2A NAD J . 18.94 5.17 2.77
N3A NAD J . 19.03 6.32 2.08
C4A NAD J . 20.05 6.27 1.17
O3 NAD J . 19.37 9.04 -5.80
PN NAD J . 19.76 10.50 -6.29
O1N NAD J . 21.02 10.43 -7.08
O2N NAD J . 19.67 11.40 -5.11
O5D NAD J . 18.49 10.86 -7.21
C5D NAD J . 18.46 10.43 -8.61
C4D NAD J . 17.61 9.18 -8.72
O4D NAD J . 16.27 9.48 -8.25
C3D NAD J . 17.46 8.66 -10.16
O3D NAD J . 17.35 7.25 -10.21
C2D NAD J . 16.08 9.24 -10.54
O2D NAD J . 15.42 8.63 -11.61
C1D NAD J . 15.35 9.10 -9.21
N1N NAD J . 14.16 9.99 -9.13
C2N NAD J . 12.95 9.41 -9.20
C3N NAD J . 11.80 10.19 -9.17
C7N NAD J . 10.42 9.59 -9.22
O7N NAD J . 9.46 10.33 -9.03
N7N NAD J . 10.31 8.28 -9.46
C4N NAD J . 11.94 11.58 -9.12
C5N NAD J . 13.21 12.14 -9.04
C6N NAD J . 14.31 11.33 -9.02
CAC FLC K . 11.48 14.13 -12.71
CA FLC K . 10.91 15.47 -12.34
CB FLC K . 9.41 15.69 -12.70
CBC FLC K . 8.85 15.52 -14.17
CG FLC K . 9.02 17.16 -12.22
CGC FLC K . 7.50 17.47 -12.46
OA1 FLC K . 12.61 13.87 -12.18
OA2 FLC K . 11.17 13.58 -13.71
OB1 FLC K . 7.85 14.91 -14.57
OB2 FLC K . 9.70 16.14 -14.89
OG1 FLC K . 6.51 16.86 -12.05
OG2 FLC K . 7.42 18.55 -13.18
OHB FLC K . 8.59 14.77 -11.96
C1 MRD L . -12.37 9.15 1.55
C2 MRD L . -12.53 9.39 0.07
O2 MRD L . -12.26 8.12 -0.56
CM MRD L . -13.91 9.85 -0.27
C3 MRD L . -11.49 10.40 -0.48
C4 MRD L . -11.46 10.65 -1.99
O4 MRD L . -11.11 9.48 -2.69
C5 MRD L . -10.41 11.69 -2.33
C1 MPD M . -7.55 18.76 -3.84
C2 MPD M . -8.19 19.50 -4.99
O2 MPD M . -9.16 20.39 -4.42
CM MPD M . -7.18 20.27 -5.76
C3 MPD M . -8.95 18.53 -5.94
C4 MPD M . -9.58 19.13 -7.21
O4 MPD M . -9.66 18.15 -8.21
C5 MPD M . -11.01 19.61 -6.94
C1 MRD N . 5.24 -10.07 18.72
C2 MRD N . 6.72 -10.28 18.53
O2 MRD N . 7.01 -11.53 19.18
CM MRD N . 7.09 -10.37 17.09
C3 MRD N . 7.61 -9.22 19.24
C4 MRD N . 7.39 -7.75 18.87
O4 MRD N . 8.22 -7.37 17.79
C5 MRD N . 7.75 -6.85 20.03
C1 MPD O . 19.30 28.58 9.20
C2 MPD O . 19.08 29.77 10.09
O2 MPD O . 20.12 30.71 9.77
CM MPD O . 17.73 30.38 9.85
C3 MPD O . 19.21 29.42 11.60
C4 MPD O . 19.53 30.56 12.57
O4 MPD O . 18.47 31.47 12.66
C5 MPD O . 19.76 30.01 13.97
C1 MRD P . 31.56 34.37 -14.13
C2 MRD P . 30.65 33.18 -13.93
O2 MRD P . 30.62 32.92 -12.51
CM MRD P . 29.29 33.48 -14.44
C3 MRD P . 31.15 31.89 -14.63
C4 MRD P . 32.45 31.24 -14.20
O4 MRD P . 33.50 32.17 -14.21
C5 MRD P . 32.82 30.14 -15.19
CL CL Q . -0.78 0.22 -18.85
#